data_1T1T
#
_entry.id   1T1T
#
_entity_poly.entity_id   1
_entity_poly.type   'polypeptide(L)'
_entity_poly.pdbx_seq_one_letter_code
;KIDGYPVDYWNCKRICWYNNKYCNDLCKGLKADSGYCWGWTLSCYCQGLPDNARIKRSGRCRA
;
_entity_poly.pdbx_strand_id   A
#
# COMPACT_ATOMS: atom_id res chain seq x y z
N LYS A 1 -10.39 -9.42 -6.29
CA LYS A 1 -8.99 -9.87 -6.04
C LYS A 1 -8.02 -9.10 -6.93
N ILE A 2 -7.48 -8.01 -6.44
CA ILE A 2 -6.53 -7.21 -7.25
C ILE A 2 -5.17 -7.13 -6.55
N ASP A 3 -4.15 -6.72 -7.24
CA ASP A 3 -2.80 -6.62 -6.61
C ASP A 3 -2.05 -5.41 -7.17
N GLY A 4 -1.29 -4.75 -6.34
CA GLY A 4 -0.52 -3.56 -6.82
C GLY A 4 0.16 -2.87 -5.63
N TYR A 5 0.38 -1.59 -5.73
CA TYR A 5 1.04 -0.86 -4.61
C TYR A 5 0.05 0.06 -3.90
N PRO A 6 -0.46 -0.43 -2.80
CA PRO A 6 -1.44 0.36 -2.01
C PRO A 6 -0.74 1.46 -1.22
N VAL A 7 -1.37 2.60 -1.08
CA VAL A 7 -0.74 3.71 -0.31
C VAL A 7 -1.48 3.92 1.01
N ASP A 8 -1.15 4.96 1.74
CA ASP A 8 -1.83 5.21 3.04
C ASP A 8 -3.08 6.05 2.83
N TYR A 9 -2.95 7.35 2.86
CA TYR A 9 -4.15 8.23 2.66
C TYR A 9 -3.77 9.44 1.82
N TRP A 10 -2.63 10.04 2.08
CA TRP A 10 -2.21 11.24 1.29
C TRP A 10 -0.92 10.92 0.52
N ASN A 11 -0.59 9.67 0.39
CA ASN A 11 0.65 9.29 -0.35
C ASN A 11 1.87 9.99 0.28
N CYS A 12 1.72 10.47 1.49
CA CYS A 12 2.86 11.16 2.16
C CYS A 12 3.96 10.13 2.52
N LYS A 13 3.65 8.87 2.41
CA LYS A 13 4.67 7.83 2.76
C LYS A 13 5.18 7.15 1.48
N ARG A 14 5.38 7.90 0.44
CA ARG A 14 5.89 7.29 -0.83
C ARG A 14 5.09 6.02 -1.14
N ILE A 15 3.82 6.02 -0.85
CA ILE A 15 2.97 4.82 -1.11
C ILE A 15 3.46 3.62 -0.29
N CYS A 16 4.39 3.84 0.60
CA CYS A 16 4.89 2.71 1.44
C CYS A 16 5.30 3.24 2.82
N TRP A 17 4.59 2.87 3.85
CA TRP A 17 4.95 3.36 5.20
C TRP A 17 6.46 3.29 5.42
N TYR A 18 6.96 2.22 6.00
CA TYR A 18 8.44 2.12 6.22
C TYR A 18 8.84 0.66 6.44
N ASN A 19 8.37 0.07 7.50
CA ASN A 19 8.71 -1.35 7.79
C ASN A 19 8.04 -2.28 6.79
N ASN A 20 8.39 -3.53 6.80
CA ASN A 20 7.76 -4.49 5.85
C ASN A 20 6.34 -4.84 6.30
N LYS A 21 6.21 -5.29 7.52
CA LYS A 21 4.85 -5.65 8.03
C LYS A 21 4.04 -4.38 8.29
N TYR A 22 4.69 -3.25 8.37
CA TYR A 22 3.94 -1.98 8.60
C TYR A 22 2.90 -1.77 7.51
N CYS A 23 3.12 -2.31 6.35
CA CYS A 23 2.14 -2.14 5.24
C CYS A 23 1.22 -3.37 5.14
N ASN A 24 1.63 -4.47 5.73
CA ASN A 24 0.77 -5.69 5.67
C ASN A 24 -0.46 -5.52 6.57
N ASP A 25 -0.30 -4.93 7.72
CA ASP A 25 -1.48 -4.72 8.62
C ASP A 25 -2.49 -3.81 7.93
N LEU A 26 -2.03 -2.71 7.39
CA LEU A 26 -2.96 -1.78 6.68
C LEU A 26 -3.51 -2.47 5.44
N CYS A 27 -2.67 -3.14 4.70
CA CYS A 27 -3.14 -3.83 3.47
C CYS A 27 -4.19 -4.88 3.86
N LYS A 28 -3.99 -5.56 4.95
CA LYS A 28 -4.99 -6.57 5.39
C LYS A 28 -6.34 -5.90 5.63
N GLY A 29 -6.32 -4.66 6.02
CA GLY A 29 -7.61 -3.94 6.25
C GLY A 29 -8.34 -3.87 4.92
N LEU A 30 -7.60 -3.81 3.84
CA LEU A 30 -8.23 -3.76 2.49
C LEU A 30 -8.37 -5.19 1.96
N LYS A 31 -8.31 -6.16 2.84
CA LYS A 31 -8.43 -7.59 2.42
C LYS A 31 -7.16 -8.06 1.69
N ALA A 32 -6.09 -7.31 1.76
CA ALA A 32 -4.85 -7.73 1.07
C ALA A 32 -3.97 -8.54 2.03
N ASP A 33 -4.35 -9.74 2.33
CA ASP A 33 -3.54 -10.58 3.26
C ASP A 33 -2.05 -10.47 2.93
N SER A 34 -1.67 -10.87 1.75
CA SER A 34 -0.23 -10.79 1.37
C SER A 34 0.15 -9.33 1.08
N GLY A 35 0.48 -8.58 2.09
CA GLY A 35 0.85 -7.15 1.87
C GLY A 35 2.23 -6.88 2.46
N TYR A 36 3.18 -6.53 1.63
CA TYR A 36 4.55 -6.24 2.14
C TYR A 36 5.13 -5.03 1.41
N CYS A 37 5.94 -4.25 2.07
CA CYS A 37 6.53 -3.05 1.42
C CYS A 37 7.96 -3.33 0.98
N TRP A 38 8.33 -2.86 -0.19
CA TRP A 38 9.73 -3.09 -0.67
C TRP A 38 10.69 -2.10 0.01
N GLY A 39 11.43 -2.56 0.97
CA GLY A 39 12.38 -1.65 1.68
C GLY A 39 13.49 -1.19 0.72
N TRP A 40 13.14 -0.44 -0.28
CA TRP A 40 14.19 0.04 -1.24
C TRP A 40 13.65 1.24 -2.01
N THR A 41 12.66 1.04 -2.82
CA THR A 41 12.08 2.18 -3.61
C THR A 41 10.97 1.66 -4.52
N LEU A 42 10.21 0.70 -4.07
CA LEU A 42 9.11 0.15 -4.92
C LEU A 42 7.75 0.37 -4.24
N SER A 43 7.67 1.28 -3.31
CA SER A 43 6.37 1.51 -2.62
C SER A 43 5.86 0.21 -2.01
N CYS A 44 4.64 0.22 -1.54
CA CYS A 44 4.07 -1.01 -0.93
C CYS A 44 3.62 -1.99 -2.02
N TYR A 45 3.41 -3.23 -1.68
CA TYR A 45 2.96 -4.22 -2.69
C TYR A 45 2.08 -5.28 -2.03
N CYS A 46 0.78 -5.15 -2.16
CA CYS A 46 -0.13 -6.15 -1.54
C CYS A 46 -1.04 -6.78 -2.60
N GLN A 47 -1.42 -8.01 -2.41
CA GLN A 47 -2.31 -8.69 -3.40
C GLN A 47 -3.48 -9.36 -2.67
N GLY A 48 -4.66 -9.29 -3.23
CA GLY A 48 -5.82 -9.93 -2.55
C GLY A 48 -6.78 -8.85 -2.05
N LEU A 49 -6.68 -7.67 -2.59
CA LEU A 49 -7.60 -6.58 -2.13
C LEU A 49 -8.76 -6.43 -3.13
N PRO A 50 -9.75 -5.68 -2.74
CA PRO A 50 -10.94 -5.47 -3.62
C PRO A 50 -10.58 -4.59 -4.81
N ASP A 51 -11.38 -4.63 -5.84
CA ASP A 51 -11.08 -3.80 -7.05
C ASP A 51 -11.10 -2.31 -6.67
N ASN A 52 -11.68 -2.00 -5.54
CA ASN A 52 -11.72 -0.58 -5.10
C ASN A 52 -10.55 -0.28 -4.16
N ALA A 53 -9.58 -1.14 -4.13
CA ALA A 53 -8.40 -0.91 -3.23
C ALA A 53 -7.77 0.45 -3.53
N ARG A 54 -7.20 1.08 -2.53
CA ARG A 54 -6.56 2.41 -2.77
C ARG A 54 -5.08 2.24 -3.11
N ILE A 55 -4.77 2.08 -4.36
CA ILE A 55 -3.33 1.91 -4.76
C ILE A 55 -3.00 2.84 -5.93
N LYS A 56 -1.75 3.18 -6.09
CA LYS A 56 -1.37 4.09 -7.22
C LYS A 56 -2.39 5.22 -7.35
N ARG A 57 -2.61 5.97 -6.31
CA ARG A 57 -3.58 7.09 -6.37
C ARG A 57 -2.89 8.37 -6.86
N SER A 58 -1.59 8.33 -7.01
CA SER A 58 -0.86 9.54 -7.47
C SER A 58 -1.13 10.71 -6.52
N GLY A 59 -0.45 11.81 -6.72
CA GLY A 59 -0.67 12.98 -5.84
C GLY A 59 0.46 13.06 -4.80
N ARG A 60 1.02 14.23 -4.62
CA ARG A 60 2.13 14.37 -3.62
C ARG A 60 1.58 14.27 -2.20
N CYS A 61 2.45 14.25 -1.23
CA CYS A 61 1.97 14.14 0.18
C CYS A 61 0.78 15.08 0.41
N ARG A 62 -0.40 14.54 0.49
CA ARG A 62 -1.60 15.39 0.72
C ARG A 62 -1.83 15.62 2.21
N ALA A 63 -0.79 16.02 2.92
CA ALA A 63 -0.95 16.26 4.38
C ALA A 63 0.36 16.78 4.98
N LYS A 1 -10.33 -8.76 -6.41
CA LYS A 1 -8.94 -9.31 -6.39
C LYS A 1 -8.00 -8.39 -7.17
N ILE A 2 -7.50 -7.36 -6.53
CA ILE A 2 -6.58 -6.43 -7.23
C ILE A 2 -5.21 -6.41 -6.55
N ASP A 3 -4.21 -5.91 -7.21
CA ASP A 3 -2.85 -5.87 -6.61
C ASP A 3 -2.15 -4.55 -6.97
N GLY A 4 -1.47 -3.95 -6.03
CA GLY A 4 -0.77 -2.66 -6.33
C GLY A 4 0.00 -2.20 -5.10
N TYR A 5 0.39 -0.94 -5.07
CA TYR A 5 1.14 -0.42 -3.90
C TYR A 5 0.24 0.48 -3.05
N PRO A 6 -0.22 -0.07 -1.96
CA PRO A 6 -1.10 0.68 -1.04
C PRO A 6 -0.32 1.74 -0.24
N VAL A 7 -0.53 2.99 -0.52
CA VAL A 7 0.17 4.07 0.22
C VAL A 7 -0.67 4.51 1.42
N ASP A 8 -0.38 5.65 1.97
CA ASP A 8 -1.17 6.12 3.14
C ASP A 8 -2.51 6.68 2.66
N TYR A 9 -2.55 7.95 2.33
CA TYR A 9 -3.83 8.55 1.84
C TYR A 9 -3.53 9.53 0.70
N TRP A 10 -2.73 10.53 0.97
CA TRP A 10 -2.39 11.52 -0.10
C TRP A 10 -0.96 11.28 -0.58
N ASN A 11 -0.46 10.09 -0.42
CA ASN A 11 0.93 9.80 -0.86
C ASN A 11 1.91 10.75 -0.15
N CYS A 12 1.46 11.39 0.89
CA CYS A 12 2.35 12.34 1.63
C CYS A 12 3.06 11.63 2.78
N LYS A 13 2.36 10.80 3.49
CA LYS A 13 2.99 10.08 4.63
C LYS A 13 4.14 9.20 4.12
N ARG A 14 3.89 7.96 3.83
CA ARG A 14 4.98 7.07 3.34
C ARG A 14 4.44 6.08 2.29
N ILE A 15 4.66 6.34 1.04
CA ILE A 15 4.18 5.41 -0.02
C ILE A 15 4.46 3.96 0.40
N CYS A 16 5.48 3.78 1.20
CA CYS A 16 5.83 2.41 1.66
C CYS A 16 6.67 2.48 2.94
N TRP A 17 6.09 2.16 4.06
CA TRP A 17 6.87 2.20 5.33
C TRP A 17 8.13 1.36 5.20
N TYR A 18 8.86 1.16 6.26
CA TYR A 18 10.11 0.35 6.19
C TYR A 18 9.95 -0.93 7.02
N ASN A 19 8.76 -1.47 7.08
CA ASN A 19 8.54 -2.71 7.86
C ASN A 19 7.76 -3.73 7.02
N ASN A 20 8.05 -5.00 7.20
CA ASN A 20 7.33 -6.03 6.41
C ASN A 20 5.98 -6.35 7.05
N LYS A 21 5.58 -5.58 8.02
CA LYS A 21 4.28 -5.83 8.69
C LYS A 21 3.42 -4.56 8.71
N TYR A 22 4.05 -3.42 8.84
CA TYR A 22 3.27 -2.15 8.85
C TYR A 22 2.34 -2.07 7.64
N CYS A 23 2.77 -2.57 6.51
CA CYS A 23 1.91 -2.53 5.30
C CYS A 23 1.03 -3.78 5.24
N ASN A 24 1.50 -4.87 5.77
CA ASN A 24 0.69 -6.13 5.75
C ASN A 24 -0.50 -6.01 6.69
N ASP A 25 -0.26 -5.64 7.92
CA ASP A 25 -1.38 -5.51 8.89
C ASP A 25 -2.51 -4.67 8.30
N LEU A 26 -2.17 -3.53 7.74
CA LEU A 26 -3.22 -2.66 7.14
C LEU A 26 -3.74 -3.27 5.84
N CYS A 27 -2.87 -3.82 5.04
CA CYS A 27 -3.32 -4.44 3.77
C CYS A 27 -4.31 -5.58 4.07
N LYS A 28 -4.11 -6.28 5.15
CA LYS A 28 -5.04 -7.39 5.50
C LYS A 28 -6.43 -6.83 5.76
N GLY A 29 -6.52 -5.63 6.26
CA GLY A 29 -7.86 -5.03 6.51
C GLY A 29 -8.58 -4.92 5.17
N LEU A 30 -7.85 -4.69 4.12
CA LEU A 30 -8.47 -4.59 2.77
C LEU A 30 -8.49 -5.97 2.12
N LYS A 31 -8.38 -7.00 2.93
CA LYS A 31 -8.39 -8.40 2.40
C LYS A 31 -7.14 -8.68 1.56
N ALA A 32 -6.10 -7.91 1.72
CA ALA A 32 -4.86 -8.16 0.93
C ALA A 32 -3.92 -9.06 1.74
N ASP A 33 -4.23 -10.32 1.83
CA ASP A 33 -3.37 -11.26 2.61
C ASP A 33 -1.89 -10.95 2.38
N SER A 34 -1.40 -11.23 1.20
CA SER A 34 0.05 -10.96 0.91
C SER A 34 0.28 -9.45 0.78
N GLY A 35 0.51 -8.78 1.88
CA GLY A 35 0.75 -7.31 1.81
C GLY A 35 2.13 -6.99 2.38
N TYR A 36 3.11 -6.82 1.54
CA TYR A 36 4.48 -6.51 2.04
C TYR A 36 4.99 -5.23 1.36
N CYS A 37 5.88 -4.52 2.00
CA CYS A 37 6.42 -3.28 1.39
C CYS A 37 7.81 -3.52 0.81
N TRP A 38 8.14 -2.86 -0.27
CA TRP A 38 9.49 -3.06 -0.87
C TRP A 38 10.53 -2.24 -0.10
N GLY A 39 11.74 -2.72 -0.02
CA GLY A 39 12.78 -1.95 0.74
C GLY A 39 13.75 -1.28 -0.23
N TRP A 40 13.25 -0.53 -1.18
CA TRP A 40 14.15 0.16 -2.14
C TRP A 40 13.41 1.32 -2.80
N THR A 41 12.65 1.03 -3.82
CA THR A 41 11.90 2.12 -4.52
C THR A 41 10.67 1.56 -5.22
N LEU A 42 9.99 0.63 -4.61
CA LEU A 42 8.79 0.04 -5.27
C LEU A 42 7.54 0.26 -4.40
N SER A 43 7.55 1.26 -3.55
CA SER A 43 6.37 1.53 -2.69
C SER A 43 5.85 0.22 -2.08
N CYS A 44 4.75 0.27 -1.39
CA CYS A 44 4.20 -0.96 -0.78
C CYS A 44 3.64 -1.86 -1.88
N TYR A 45 3.25 -3.06 -1.56
CA TYR A 45 2.70 -3.97 -2.61
C TYR A 45 1.84 -5.08 -1.98
N CYS A 46 0.54 -4.92 -2.03
CA CYS A 46 -0.36 -5.97 -1.45
C CYS A 46 -1.29 -6.49 -2.55
N GLN A 47 -1.49 -7.78 -2.60
CA GLN A 47 -2.39 -8.34 -3.66
C GLN A 47 -3.54 -9.11 -3.02
N GLY A 48 -4.68 -9.13 -3.64
CA GLY A 48 -5.85 -9.87 -3.07
C GLY A 48 -6.78 -8.90 -2.35
N LEU A 49 -6.79 -7.66 -2.75
CA LEU A 49 -7.69 -6.66 -2.10
C LEU A 49 -8.83 -6.27 -3.04
N PRO A 50 -9.79 -5.56 -2.51
CA PRO A 50 -10.95 -5.12 -3.34
C PRO A 50 -10.51 -4.09 -4.38
N ASP A 51 -11.28 -3.94 -5.43
CA ASP A 51 -10.91 -2.96 -6.49
C ASP A 51 -10.84 -1.55 -5.91
N ASN A 52 -11.51 -1.31 -4.81
CA ASN A 52 -11.48 0.04 -4.20
C ASN A 52 -10.25 0.17 -3.28
N ALA A 53 -9.35 -0.76 -3.37
CA ALA A 53 -8.12 -0.70 -2.51
C ALA A 53 -7.31 0.56 -2.83
N ARG A 54 -6.85 1.24 -1.82
CA ARG A 54 -6.04 2.47 -2.06
C ARG A 54 -4.61 2.08 -2.47
N ILE A 55 -4.11 2.67 -3.52
CA ILE A 55 -2.72 2.33 -3.97
C ILE A 55 -2.13 3.48 -4.79
N LYS A 56 -0.98 3.28 -5.38
CA LYS A 56 -0.35 4.35 -6.19
C LYS A 56 -1.38 4.99 -7.13
N ARG A 57 -1.99 6.07 -6.71
CA ARG A 57 -3.00 6.73 -7.58
C ARG A 57 -2.48 8.10 -8.01
N SER A 58 -1.18 8.29 -7.99
CA SER A 58 -0.59 9.60 -8.40
C SER A 58 -1.11 10.72 -7.50
N GLY A 59 -0.71 11.93 -7.76
CA GLY A 59 -1.17 13.06 -6.91
C GLY A 59 -0.16 13.31 -5.80
N ARG A 60 0.68 14.30 -5.95
CA ARG A 60 1.69 14.58 -4.89
C ARG A 60 1.03 14.67 -3.52
N CYS A 61 1.77 15.00 -2.51
CA CYS A 61 1.19 15.11 -1.14
C CYS A 61 -0.17 15.81 -1.19
N ARG A 62 -1.24 15.06 -1.30
CA ARG A 62 -2.59 15.67 -1.37
C ARG A 62 -3.11 15.96 0.04
N ALA A 63 -2.29 16.50 0.90
CA ALA A 63 -2.74 16.82 2.28
C ALA A 63 -1.70 17.69 3.00
N LYS A 1 -10.43 -8.97 -6.83
CA LYS A 1 -9.02 -9.35 -6.56
C LYS A 1 -8.06 -8.47 -7.36
N ILE A 2 -7.53 -7.45 -6.74
CA ILE A 2 -6.60 -6.53 -7.45
C ILE A 2 -5.24 -6.53 -6.75
N ASP A 3 -4.21 -6.11 -7.43
CA ASP A 3 -2.87 -6.08 -6.79
C ASP A 3 -2.09 -4.84 -7.27
N GLY A 4 -1.31 -4.25 -6.41
CA GLY A 4 -0.54 -3.05 -6.82
C GLY A 4 0.30 -2.54 -5.64
N TYR A 5 0.53 -1.25 -5.58
CA TYR A 5 1.35 -0.70 -4.45
C TYR A 5 0.54 0.36 -3.69
N PRO A 6 0.17 0.01 -2.48
CA PRO A 6 -0.61 0.94 -1.63
C PRO A 6 0.28 2.07 -1.10
N VAL A 7 -0.16 3.29 -1.26
CA VAL A 7 0.66 4.45 -0.76
C VAL A 7 0.38 4.66 0.73
N ASP A 8 0.97 5.69 1.30
CA ASP A 8 0.74 5.96 2.75
C ASP A 8 -0.74 6.30 2.97
N TYR A 9 -1.05 7.49 3.43
CA TYR A 9 -2.47 7.86 3.66
C TYR A 9 -2.84 9.07 2.78
N TRP A 10 -2.05 10.11 2.84
CA TRP A 10 -2.35 11.32 2.01
C TRP A 10 -1.36 11.40 0.85
N ASN A 11 -0.76 10.29 0.49
CA ASN A 11 0.22 10.28 -0.63
C ASN A 11 1.38 11.24 -0.33
N CYS A 12 1.47 11.70 0.89
CA CYS A 12 2.59 12.62 1.25
C CYS A 12 3.92 11.89 1.16
N LYS A 13 4.10 10.89 1.98
CA LYS A 13 5.37 10.12 1.96
C LYS A 13 5.42 9.23 0.71
N ARG A 14 6.46 8.46 0.56
CA ARG A 14 6.56 7.56 -0.62
C ARG A 14 5.38 6.58 -0.64
N ILE A 15 5.38 5.66 -1.56
CA ILE A 15 4.26 4.67 -1.62
C ILE A 15 4.57 3.48 -0.71
N CYS A 16 5.39 3.67 0.28
CA CYS A 16 5.74 2.55 1.21
C CYS A 16 6.30 3.07 2.52
N TRP A 17 6.37 2.25 3.52
CA TRP A 17 6.91 2.68 4.84
C TRP A 17 8.20 1.92 5.16
N TYR A 18 8.55 1.84 6.40
CA TYR A 18 9.79 1.09 6.78
C TYR A 18 9.44 -0.07 7.71
N ASN A 19 8.20 -0.19 8.09
CA ASN A 19 7.80 -1.30 9.00
C ASN A 19 7.13 -2.42 8.20
N ASN A 20 7.52 -3.64 8.43
CA ASN A 20 6.92 -4.78 7.68
C ASN A 20 5.41 -4.85 7.92
N LYS A 21 4.97 -4.73 9.15
CA LYS A 21 3.51 -4.79 9.43
C LYS A 21 2.84 -3.47 9.06
N TYR A 22 3.61 -2.44 8.82
CA TYR A 22 3.01 -1.13 8.47
C TYR A 22 2.32 -1.21 7.10
N CYS A 23 2.55 -2.27 6.37
CA CYS A 23 1.91 -2.40 5.04
C CYS A 23 1.00 -3.64 5.00
N ASN A 24 1.35 -4.66 5.74
CA ASN A 24 0.50 -5.89 5.76
C ASN A 24 -0.65 -5.69 6.75
N ASP A 25 -0.36 -5.25 7.94
CA ASP A 25 -1.46 -5.03 8.93
C ASP A 25 -2.49 -4.09 8.31
N LEU A 26 -2.07 -3.26 7.41
CA LEU A 26 -3.01 -2.31 6.76
C LEU A 26 -3.59 -2.96 5.49
N CYS A 27 -2.75 -3.55 4.68
CA CYS A 27 -3.24 -4.19 3.44
C CYS A 27 -4.24 -5.30 3.77
N LYS A 28 -4.04 -5.98 4.86
CA LYS A 28 -4.99 -7.06 5.24
C LYS A 28 -6.38 -6.46 5.46
N GLY A 29 -6.43 -5.24 5.94
CA GLY A 29 -7.75 -4.59 6.15
C GLY A 29 -8.41 -4.47 4.78
N LEU A 30 -7.61 -4.31 3.77
CA LEU A 30 -8.15 -4.21 2.38
C LEU A 30 -8.26 -5.60 1.77
N LYS A 31 -8.27 -6.61 2.60
CA LYS A 31 -8.37 -8.01 2.10
C LYS A 31 -7.10 -8.41 1.33
N ALA A 32 -6.03 -7.66 1.49
CA ALA A 32 -4.78 -8.01 0.76
C ALA A 32 -3.92 -8.95 1.61
N ASP A 33 -4.21 -10.23 1.59
CA ASP A 33 -3.40 -11.18 2.39
C ASP A 33 -1.91 -10.86 2.27
N SER A 34 -1.33 -11.11 1.14
CA SER A 34 0.12 -10.82 0.97
C SER A 34 0.33 -9.32 0.77
N GLY A 35 0.45 -8.58 1.84
CA GLY A 35 0.64 -7.11 1.71
C GLY A 35 1.89 -6.68 2.47
N TYR A 36 3.04 -6.72 1.83
CA TYR A 36 4.28 -6.29 2.53
C TYR A 36 5.05 -5.31 1.64
N CYS A 37 5.84 -4.45 2.24
CA CYS A 37 6.59 -3.45 1.42
C CYS A 37 7.88 -4.05 0.86
N TRP A 38 8.36 -3.50 -0.22
CA TRP A 38 9.63 -4.01 -0.81
C TRP A 38 10.81 -3.44 -0.02
N GLY A 39 11.82 -4.21 0.23
CA GLY A 39 12.97 -3.69 1.02
C GLY A 39 13.92 -2.88 0.14
N TRP A 40 13.88 -3.06 -1.14
CA TRP A 40 14.79 -2.28 -2.03
C TRP A 40 14.23 -0.87 -2.23
N THR A 41 13.24 -0.74 -3.07
CA THR A 41 12.63 0.59 -3.33
C THR A 41 11.48 0.45 -4.32
N LEU A 42 10.65 -0.54 -4.13
CA LEU A 42 9.51 -0.73 -5.07
C LEU A 42 8.18 -0.39 -4.39
N SER A 43 8.17 0.61 -3.53
CA SER A 43 6.90 0.98 -2.84
C SER A 43 6.28 -0.25 -2.17
N CYS A 44 5.11 -0.10 -1.61
CA CYS A 44 4.47 -1.27 -0.94
C CYS A 44 3.86 -2.21 -1.98
N TYR A 45 3.59 -3.43 -1.61
CA TYR A 45 3.00 -4.38 -2.61
C TYR A 45 2.01 -5.33 -1.93
N CYS A 46 0.74 -5.17 -2.23
CA CYS A 46 -0.30 -6.07 -1.63
C CYS A 46 -1.19 -6.61 -2.74
N GLN A 47 -1.47 -7.88 -2.74
CA GLN A 47 -2.35 -8.46 -3.81
C GLN A 47 -3.50 -9.25 -3.20
N GLY A 48 -4.65 -9.19 -3.81
CA GLY A 48 -5.82 -9.94 -3.26
C GLY A 48 -6.78 -8.97 -2.56
N LEU A 49 -6.77 -7.73 -2.96
CA LEU A 49 -7.68 -6.73 -2.32
C LEU A 49 -8.86 -6.41 -3.26
N PRO A 50 -9.83 -5.72 -2.72
CA PRO A 50 -11.02 -5.35 -3.52
C PRO A 50 -10.67 -4.23 -4.50
N ASP A 51 -11.48 -4.03 -5.50
CA ASP A 51 -11.20 -2.94 -6.48
C ASP A 51 -11.19 -1.59 -5.77
N ASN A 52 -11.80 -1.52 -4.62
CA ASN A 52 -11.82 -0.23 -3.86
C ASN A 52 -10.52 -0.06 -3.08
N ALA A 53 -9.58 -0.94 -3.27
CA ALA A 53 -8.29 -0.82 -2.54
C ALA A 53 -7.68 0.56 -2.77
N ARG A 54 -6.88 1.03 -1.84
CA ARG A 54 -6.26 2.38 -2.01
C ARG A 54 -4.78 2.23 -2.39
N ILE A 55 -4.48 2.18 -3.65
CA ILE A 55 -3.05 2.06 -4.08
C ILE A 55 -2.84 2.76 -5.42
N LYS A 56 -1.62 3.11 -5.72
CA LYS A 56 -1.33 3.80 -7.02
C LYS A 56 -2.43 4.83 -7.32
N ARG A 57 -2.68 5.72 -6.39
CA ARG A 57 -3.73 6.76 -6.63
C ARG A 57 -3.08 8.06 -7.12
N SER A 58 -1.81 8.21 -6.87
CA SER A 58 -1.11 9.45 -7.32
C SER A 58 -1.74 10.68 -6.67
N GLY A 59 -1.27 11.85 -7.03
CA GLY A 59 -1.84 13.10 -6.42
C GLY A 59 -0.81 13.73 -5.49
N ARG A 60 -1.15 14.81 -4.84
CA ARG A 60 -0.18 15.47 -3.93
C ARG A 60 -0.58 15.23 -2.47
N CYS A 61 0.13 15.79 -1.54
CA CYS A 61 -0.21 15.59 -0.11
C CYS A 61 -1.70 15.85 0.12
N ARG A 62 -2.40 14.89 0.66
CA ARG A 62 -3.86 15.08 0.90
C ARG A 62 -4.09 15.87 2.20
N ALA A 63 -3.38 16.96 2.39
CA ALA A 63 -3.57 17.77 3.62
C ALA A 63 -2.78 19.07 3.52
N LYS A 1 -10.04 -8.62 -5.69
CA LYS A 1 -8.94 -9.44 -6.27
C LYS A 1 -7.98 -8.56 -7.08
N ILE A 2 -7.39 -7.58 -6.46
CA ILE A 2 -6.45 -6.68 -7.20
C ILE A 2 -5.06 -6.74 -6.56
N ASP A 3 -4.06 -6.28 -7.26
CA ASP A 3 -2.68 -6.30 -6.71
C ASP A 3 -1.92 -5.04 -7.15
N GLY A 4 -1.37 -4.31 -6.23
CA GLY A 4 -0.62 -3.07 -6.61
C GLY A 4 0.16 -2.53 -5.42
N TYR A 5 0.46 -1.26 -5.42
CA TYR A 5 1.22 -0.67 -4.28
C TYR A 5 0.34 0.29 -3.48
N PRO A 6 -0.04 -0.15 -2.30
CA PRO A 6 -0.87 0.68 -1.41
C PRO A 6 0.00 1.73 -0.71
N VAL A 7 -0.18 2.98 -1.00
CA VAL A 7 0.64 4.04 -0.35
C VAL A 7 -0.06 4.60 0.89
N ASP A 8 0.46 5.68 1.43
CA ASP A 8 -0.17 6.28 2.65
C ASP A 8 -1.61 6.69 2.35
N TYR A 9 -2.11 7.68 3.05
CA TYR A 9 -3.52 8.12 2.83
C TYR A 9 -3.56 9.34 1.90
N TRP A 10 -2.43 9.95 1.66
CA TRP A 10 -2.43 11.16 0.77
C TRP A 10 -1.35 11.00 -0.30
N ASN A 11 -0.69 9.87 -0.34
CA ASN A 11 0.38 9.68 -1.35
C ASN A 11 1.43 10.78 -1.21
N CYS A 12 1.43 11.47 -0.11
CA CYS A 12 2.41 12.56 0.10
C CYS A 12 3.81 12.00 0.30
N LYS A 13 4.01 11.25 1.35
CA LYS A 13 5.37 10.68 1.59
C LYS A 13 5.28 9.51 2.58
N ARG A 14 4.95 8.34 2.10
CA ARG A 14 4.85 7.16 3.00
C ARG A 14 4.28 5.97 2.23
N ILE A 15 4.61 5.86 0.97
CA ILE A 15 4.10 4.73 0.15
C ILE A 15 4.41 3.39 0.81
N CYS A 16 5.49 3.31 1.54
CA CYS A 16 5.85 2.03 2.20
C CYS A 16 6.37 2.27 3.62
N TRP A 17 5.83 1.59 4.58
CA TRP A 17 6.29 1.77 6.00
C TRP A 17 7.68 1.14 6.18
N TYR A 18 8.30 1.39 7.30
CA TYR A 18 9.65 0.80 7.54
C TYR A 18 9.51 -0.58 8.19
N ASN A 19 8.77 -1.46 7.57
CA ASN A 19 8.59 -2.83 8.15
C ASN A 19 8.01 -3.77 7.09
N ASN A 20 8.22 -5.05 7.23
CA ASN A 20 7.67 -6.01 6.23
C ASN A 20 6.24 -6.42 6.61
N LYS A 21 5.74 -5.92 7.71
CA LYS A 21 4.36 -6.27 8.12
C LYS A 21 3.56 -5.02 8.44
N TYR A 22 4.18 -3.87 8.43
CA TYR A 22 3.43 -2.61 8.74
C TYR A 22 2.29 -2.42 7.74
N CYS A 23 2.60 -2.13 6.50
CA CYS A 23 1.52 -1.94 5.50
C CYS A 23 0.82 -3.29 5.22
N ASN A 24 1.35 -4.35 5.76
CA ASN A 24 0.73 -5.70 5.54
C ASN A 24 -0.52 -5.82 6.40
N ASP A 25 -0.37 -5.73 7.70
CA ASP A 25 -1.56 -5.82 8.60
C ASP A 25 -2.67 -4.90 8.10
N LEU A 26 -2.33 -3.67 7.83
CA LEU A 26 -3.37 -2.71 7.33
C LEU A 26 -3.88 -3.20 5.96
N CYS A 27 -3.01 -3.73 5.15
CA CYS A 27 -3.46 -4.23 3.83
C CYS A 27 -4.48 -5.36 4.02
N LYS A 28 -4.26 -6.20 5.01
CA LYS A 28 -5.22 -7.31 5.27
C LYS A 28 -6.59 -6.74 5.57
N GLY A 29 -6.62 -5.58 6.18
CA GLY A 29 -7.95 -4.95 6.50
C GLY A 29 -8.70 -4.75 5.20
N LEU A 30 -8.01 -4.40 4.14
CA LEU A 30 -8.68 -4.20 2.83
C LEU A 30 -8.76 -5.53 2.07
N LYS A 31 -8.58 -6.62 2.78
CA LYS A 31 -8.64 -7.97 2.15
C LYS A 31 -7.33 -8.30 1.43
N ALA A 32 -6.31 -7.50 1.64
CA ALA A 32 -5.02 -7.79 0.96
C ALA A 32 -4.11 -8.60 1.90
N ASP A 33 -4.28 -9.90 1.91
CA ASP A 33 -3.43 -10.74 2.81
C ASP A 33 -1.94 -10.49 2.58
N SER A 34 -1.42 -10.97 1.48
CA SER A 34 0.04 -10.77 1.20
C SER A 34 0.34 -9.29 0.95
N GLY A 35 0.71 -8.57 1.97
CA GLY A 35 1.02 -7.12 1.79
C GLY A 35 2.38 -6.80 2.41
N TYR A 36 3.43 -6.95 1.67
CA TYR A 36 4.78 -6.66 2.23
C TYR A 36 5.25 -5.27 1.79
N CYS A 37 6.45 -4.90 2.15
CA CYS A 37 6.95 -3.55 1.74
C CYS A 37 8.35 -3.65 1.14
N TRP A 38 8.56 -3.03 0.01
CA TRP A 38 9.91 -3.08 -0.63
C TRP A 38 10.79 -1.96 -0.07
N GLY A 39 11.92 -2.30 0.48
CA GLY A 39 12.82 -1.26 1.05
C GLY A 39 13.62 -0.60 -0.08
N TRP A 40 13.57 -1.15 -1.25
CA TRP A 40 14.33 -0.55 -2.39
C TRP A 40 13.56 0.65 -2.96
N THR A 41 12.75 0.44 -3.96
CA THR A 41 11.98 1.57 -4.55
C THR A 41 10.69 1.05 -5.18
N LEU A 42 9.90 0.34 -4.43
CA LEU A 42 8.62 -0.19 -4.99
C LEU A 42 7.44 0.08 -4.06
N SER A 43 7.65 0.86 -3.04
CA SER A 43 6.53 1.16 -2.09
C SER A 43 5.97 -0.15 -1.52
N CYS A 44 4.91 -0.09 -0.77
CA CYS A 44 4.33 -1.35 -0.22
C CYS A 44 3.65 -2.13 -1.34
N TYR A 45 3.51 -3.41 -1.19
CA TYR A 45 2.85 -4.21 -2.26
C TYR A 45 1.89 -5.23 -1.65
N CYS A 46 0.62 -5.08 -1.91
CA CYS A 46 -0.36 -6.05 -1.36
C CYS A 46 -1.22 -6.62 -2.49
N GLN A 47 -1.49 -7.89 -2.46
CA GLN A 47 -2.31 -8.50 -3.55
C GLN A 47 -3.61 -9.09 -2.96
N GLY A 48 -4.71 -8.89 -3.61
CA GLY A 48 -6.00 -9.44 -3.08
C GLY A 48 -6.79 -8.31 -2.42
N LEU A 49 -6.67 -7.11 -2.92
CA LEU A 49 -7.44 -5.98 -2.32
C LEU A 49 -8.67 -5.67 -3.20
N PRO A 50 -9.40 -4.66 -2.82
CA PRO A 50 -10.61 -4.27 -3.57
C PRO A 50 -10.23 -3.35 -4.74
N ASP A 51 -11.08 -3.21 -5.71
CA ASP A 51 -10.75 -2.32 -6.86
C ASP A 51 -10.51 -0.89 -6.36
N ASN A 52 -11.02 -0.59 -5.19
CA ASN A 52 -10.82 0.79 -4.63
C ASN A 52 -9.62 0.79 -3.68
N ALA A 53 -8.76 -0.19 -3.81
CA ALA A 53 -7.56 -0.24 -2.91
C ALA A 53 -6.79 1.08 -2.96
N ARG A 54 -6.41 1.60 -1.83
CA ARG A 54 -5.63 2.87 -1.81
C ARG A 54 -4.22 2.64 -2.32
N ILE A 55 -4.01 2.71 -3.60
CA ILE A 55 -2.63 2.48 -4.14
C ILE A 55 -2.18 3.68 -4.97
N LYS A 56 -1.13 3.52 -5.73
CA LYS A 56 -0.61 4.65 -6.56
C LYS A 56 -1.66 5.09 -7.58
N ARG A 57 -2.72 5.72 -7.13
CA ARG A 57 -3.77 6.19 -8.08
C ARG A 57 -3.83 7.72 -8.07
N SER A 58 -3.25 8.33 -7.07
CA SER A 58 -3.27 9.81 -6.99
C SER A 58 -1.85 10.35 -6.75
N GLY A 59 -1.44 11.33 -7.51
CA GLY A 59 -0.06 11.87 -7.31
C GLY A 59 -0.15 13.26 -6.67
N ARG A 60 -1.12 13.48 -5.83
CA ARG A 60 -1.26 14.80 -5.17
C ARG A 60 -1.23 14.64 -3.64
N CYS A 61 -0.15 15.04 -3.02
CA CYS A 61 -0.06 14.92 -1.54
C CYS A 61 -1.31 15.53 -0.89
N ARG A 62 -2.18 14.71 -0.36
CA ARG A 62 -3.42 15.24 0.29
C ARG A 62 -3.14 15.56 1.76
N ALA A 63 -2.08 16.26 2.05
CA ALA A 63 -1.77 16.60 3.46
C ALA A 63 -0.60 17.58 3.53
N LYS A 1 -11.04 -8.22 -6.21
CA LYS A 1 -9.72 -8.89 -6.34
C LYS A 1 -8.77 -8.05 -7.21
N ILE A 2 -7.80 -7.40 -6.62
CA ILE A 2 -6.86 -6.58 -7.41
C ILE A 2 -5.47 -6.59 -6.77
N ASP A 3 -4.46 -6.28 -7.52
CA ASP A 3 -3.07 -6.27 -6.96
C ASP A 3 -2.37 -4.96 -7.32
N GLY A 4 -1.68 -4.37 -6.38
CA GLY A 4 -0.98 -3.09 -6.68
C GLY A 4 -0.28 -2.57 -5.43
N TYR A 5 0.06 -1.31 -5.40
CA TYR A 5 0.75 -0.74 -4.20
C TYR A 5 -0.19 0.19 -3.43
N PRO A 6 -0.62 -0.27 -2.28
CA PRO A 6 -1.54 0.53 -1.45
C PRO A 6 -0.77 1.60 -0.65
N VAL A 7 -0.91 2.84 -1.02
CA VAL A 7 -0.20 3.93 -0.28
C VAL A 7 -1.00 4.32 0.96
N ASP A 8 -0.62 5.39 1.61
CA ASP A 8 -1.37 5.82 2.83
C ASP A 8 -2.75 6.38 2.41
N TYR A 9 -3.02 7.63 2.69
CA TYR A 9 -4.35 8.19 2.30
C TYR A 9 -4.15 9.31 1.27
N TRP A 10 -3.34 10.29 1.58
CA TRP A 10 -3.12 11.40 0.61
C TRP A 10 -1.80 11.19 -0.14
N ASN A 11 -1.25 10.00 -0.07
CA ASN A 11 0.04 9.74 -0.77
C ASN A 11 1.13 10.67 -0.24
N CYS A 12 0.87 11.33 0.86
CA CYS A 12 1.88 12.26 1.43
C CYS A 12 2.78 11.53 2.44
N LYS A 13 2.26 10.51 3.07
CA LYS A 13 3.07 9.76 4.07
C LYS A 13 3.89 8.67 3.38
N ARG A 14 4.45 8.95 2.24
CA ARG A 14 5.27 7.92 1.52
C ARG A 14 4.37 6.80 0.99
N ILE A 15 4.66 6.31 -0.18
CA ILE A 15 3.82 5.21 -0.76
C ILE A 15 4.13 3.89 -0.05
N CYS A 16 5.11 3.88 0.81
CA CYS A 16 5.45 2.63 1.55
C CYS A 16 5.99 2.96 2.94
N TRP A 17 5.85 2.06 3.87
CA TRP A 17 6.35 2.31 5.24
C TRP A 17 7.82 1.92 5.35
N TYR A 18 8.32 1.73 6.55
CA TYR A 18 9.75 1.36 6.71
C TYR A 18 9.85 -0.12 7.11
N ASN A 19 8.84 -0.64 7.74
CA ASN A 19 8.89 -2.08 8.16
C ASN A 19 8.25 -2.96 7.08
N ASN A 20 8.67 -4.19 7.00
CA ASN A 20 8.09 -5.10 5.97
C ASN A 20 6.75 -5.68 6.47
N LYS A 21 6.43 -5.46 7.71
CA LYS A 21 5.14 -5.99 8.25
C LYS A 21 4.12 -4.85 8.40
N TYR A 22 4.57 -3.71 8.84
CA TYR A 22 3.64 -2.56 9.02
C TYR A 22 2.71 -2.43 7.80
N CYS A 23 3.21 -2.76 6.63
CA CYS A 23 2.36 -2.66 5.41
C CYS A 23 1.40 -3.86 5.34
N ASN A 24 1.80 -4.96 5.88
CA ASN A 24 0.91 -6.17 5.86
C ASN A 24 -0.30 -5.92 6.76
N ASP A 25 -0.09 -5.34 7.90
CA ASP A 25 -1.23 -5.06 8.83
C ASP A 25 -2.23 -4.12 8.16
N LEU A 26 -1.75 -3.09 7.50
CA LEU A 26 -2.67 -2.15 6.83
C LEU A 26 -3.24 -2.78 5.56
N CYS A 27 -2.41 -3.46 4.81
CA CYS A 27 -2.91 -4.12 3.57
C CYS A 27 -3.97 -5.15 3.94
N LYS A 28 -3.87 -5.73 5.10
CA LYS A 28 -4.90 -6.72 5.52
C LYS A 28 -6.24 -6.00 5.70
N GLY A 29 -6.19 -4.73 6.01
CA GLY A 29 -7.46 -3.97 6.17
C GLY A 29 -8.16 -3.98 4.81
N LEU A 30 -7.38 -3.96 3.76
CA LEU A 30 -7.98 -4.00 2.40
C LEU A 30 -8.08 -5.45 1.94
N LYS A 31 -8.10 -6.36 2.88
CA LYS A 31 -8.20 -7.81 2.54
C LYS A 31 -7.01 -8.24 1.68
N ALA A 32 -5.92 -7.53 1.72
CA ALA A 32 -4.75 -7.92 0.89
C ALA A 32 -3.90 -8.95 1.64
N ASP A 33 -4.24 -10.21 1.51
CA ASP A 33 -3.46 -11.27 2.22
C ASP A 33 -1.96 -10.97 2.17
N SER A 34 -1.30 -11.38 1.13
CA SER A 34 0.17 -11.12 1.04
C SER A 34 0.41 -9.63 0.82
N GLY A 35 0.63 -8.88 1.86
CA GLY A 35 0.87 -7.43 1.70
C GLY A 35 2.14 -7.01 2.44
N TYR A 36 3.15 -6.62 1.72
CA TYR A 36 4.42 -6.20 2.40
C TYR A 36 5.11 -5.12 1.57
N CYS A 37 5.99 -4.36 2.18
CA CYS A 37 6.69 -3.29 1.42
C CYS A 37 8.02 -3.80 0.86
N TRP A 38 8.42 -3.32 -0.29
CA TRP A 38 9.71 -3.77 -0.87
C TRP A 38 10.86 -3.02 -0.19
N GLY A 39 11.65 -3.72 0.58
CA GLY A 39 12.78 -3.05 1.30
C GLY A 39 13.82 -2.55 0.29
N TRP A 40 13.43 -1.67 -0.59
CA TRP A 40 14.39 -1.14 -1.58
C TRP A 40 13.86 0.18 -2.16
N THR A 41 12.82 0.10 -2.93
CA THR A 41 12.22 1.33 -3.52
C THR A 41 11.01 0.95 -4.37
N LEU A 42 10.29 -0.07 -4.00
CA LEU A 42 9.11 -0.49 -4.80
C LEU A 42 7.81 -0.17 -4.07
N SER A 43 7.78 0.86 -3.28
CA SER A 43 6.52 1.20 -2.56
C SER A 43 5.94 -0.04 -1.88
N CYS A 44 4.79 0.07 -1.28
CA CYS A 44 4.16 -1.11 -0.63
C CYS A 44 3.51 -2.00 -1.68
N TYR A 45 3.62 -3.29 -1.56
CA TYR A 45 3.01 -4.18 -2.58
C TYR A 45 2.13 -5.25 -1.91
N CYS A 46 0.86 -5.25 -2.23
CA CYS A 46 -0.05 -6.27 -1.62
C CYS A 46 -0.99 -6.83 -2.71
N GLN A 47 -1.43 -8.04 -2.54
CA GLN A 47 -2.34 -8.63 -3.57
C GLN A 47 -3.53 -9.33 -2.91
N GLY A 48 -4.67 -9.32 -3.54
CA GLY A 48 -5.87 -9.99 -2.96
C GLY A 48 -6.75 -8.94 -2.26
N LEU A 49 -6.74 -7.72 -2.73
CA LEU A 49 -7.58 -6.67 -2.10
C LEU A 49 -8.75 -6.32 -3.01
N PRO A 50 -9.68 -5.54 -2.48
CA PRO A 50 -10.87 -5.14 -3.27
C PRO A 50 -10.49 -4.20 -4.41
N ASP A 51 -11.30 -4.11 -5.42
CA ASP A 51 -10.99 -3.21 -6.56
C ASP A 51 -10.86 -1.77 -6.08
N ASN A 52 -11.48 -1.46 -4.97
CA ASN A 52 -11.39 -0.07 -4.43
C ASN A 52 -10.14 0.08 -3.57
N ALA A 53 -9.25 -0.87 -3.65
CA ALA A 53 -7.99 -0.80 -2.83
C ALA A 53 -7.24 0.49 -3.10
N ARG A 54 -7.15 1.36 -2.12
CA ARG A 54 -6.41 2.63 -2.30
C ARG A 54 -4.94 2.34 -2.67
N ILE A 55 -4.51 2.72 -3.84
CA ILE A 55 -3.10 2.43 -4.23
C ILE A 55 -2.49 3.62 -4.99
N LYS A 56 -1.24 3.52 -5.35
CA LYS A 56 -0.58 4.63 -6.08
C LYS A 56 -1.51 5.22 -7.15
N ARG A 57 -2.23 6.25 -6.80
CA ARG A 57 -3.15 6.89 -7.79
C ARG A 57 -2.75 8.34 -8.01
N SER A 58 -2.00 8.91 -7.10
CA SER A 58 -1.57 10.33 -7.26
C SER A 58 -0.26 10.56 -6.50
N GLY A 59 0.49 11.54 -6.90
CA GLY A 59 1.78 11.84 -6.20
C GLY A 59 1.71 13.24 -5.60
N ARG A 60 0.54 13.80 -5.51
CA ARG A 60 0.42 15.16 -4.93
C ARG A 60 -0.05 15.08 -3.48
N CYS A 61 0.87 15.19 -2.56
CA CYS A 61 0.50 15.12 -1.11
C CYS A 61 -0.80 15.89 -0.86
N ARG A 62 -1.86 15.18 -0.57
CA ARG A 62 -3.17 15.86 -0.32
C ARG A 62 -3.32 16.19 1.17
N ALA A 63 -2.34 16.84 1.75
CA ALA A 63 -2.45 17.20 3.19
C ALA A 63 -1.22 18.02 3.62
N LYS A 1 -10.39 -9.06 -6.06
CA LYS A 1 -9.04 -9.69 -6.20
C LYS A 1 -8.16 -8.85 -7.12
N ILE A 2 -7.44 -7.91 -6.58
CA ILE A 2 -6.54 -7.06 -7.41
C ILE A 2 -5.17 -6.93 -6.74
N ASP A 3 -4.18 -6.48 -7.47
CA ASP A 3 -2.83 -6.33 -6.88
C ASP A 3 -2.23 -4.98 -7.27
N GLY A 4 -1.76 -4.23 -6.32
CA GLY A 4 -1.15 -2.90 -6.65
C GLY A 4 -0.40 -2.35 -5.43
N TYR A 5 0.11 -1.16 -5.53
CA TYR A 5 0.86 -0.57 -4.38
C TYR A 5 -0.04 0.40 -3.60
N PRO A 6 -0.40 -0.01 -2.42
CA PRO A 6 -1.28 0.83 -1.56
C PRO A 6 -0.45 1.92 -0.89
N VAL A 7 -0.89 3.15 -0.98
CA VAL A 7 -0.11 4.26 -0.33
C VAL A 7 -0.65 4.53 1.08
N ASP A 8 -0.22 5.60 1.68
CA ASP A 8 -0.71 5.92 3.06
C ASP A 8 -2.14 6.45 2.99
N TYR A 9 -2.29 7.74 2.83
CA TYR A 9 -3.66 8.33 2.74
C TYR A 9 -3.68 9.41 1.66
N TRP A 10 -3.12 10.55 1.94
CA TRP A 10 -3.08 11.65 0.93
C TRP A 10 -1.81 11.51 0.08
N ASN A 11 -1.26 10.34 0.02
CA ASN A 11 -0.03 10.10 -0.78
C ASN A 11 1.13 10.97 -0.26
N CYS A 12 1.08 11.36 0.99
CA CYS A 12 2.19 12.20 1.53
C CYS A 12 3.25 11.31 2.19
N LYS A 13 2.84 10.27 2.85
CA LYS A 13 3.82 9.38 3.51
C LYS A 13 4.35 8.34 2.51
N ARG A 14 4.66 8.77 1.32
CA ARG A 14 5.17 7.81 0.30
C ARG A 14 4.18 6.66 0.12
N ILE A 15 4.32 5.90 -0.93
CA ILE A 15 3.40 4.76 -1.17
C ILE A 15 3.86 3.53 -0.39
N CYS A 16 4.92 3.64 0.34
CA CYS A 16 5.43 2.47 1.13
C CYS A 16 5.97 2.94 2.49
N TRP A 17 5.50 2.35 3.55
CA TRP A 17 5.99 2.75 4.90
C TRP A 17 7.45 2.31 5.09
N TYR A 18 7.83 2.01 6.31
CA TYR A 18 9.23 1.59 6.55
C TYR A 18 9.27 0.45 7.58
N ASN A 19 8.35 -0.46 7.49
CA ASN A 19 8.33 -1.60 8.45
C ASN A 19 7.76 -2.86 7.77
N ASN A 20 7.98 -4.01 8.34
CA ASN A 20 7.44 -5.25 7.73
C ASN A 20 6.03 -5.53 8.25
N LYS A 21 5.31 -4.49 8.58
CA LYS A 21 3.93 -4.68 9.11
C LYS A 21 3.11 -3.40 8.86
N TYR A 22 3.70 -2.26 9.05
CA TYR A 22 2.95 -0.99 8.83
C TYR A 22 2.19 -1.06 7.51
N CYS A 23 2.67 -1.84 6.57
CA CYS A 23 1.95 -1.95 5.26
C CYS A 23 1.12 -3.24 5.23
N ASN A 24 1.72 -4.34 5.55
CA ASN A 24 0.94 -5.63 5.54
C ASN A 24 -0.29 -5.50 6.43
N ASP A 25 -0.10 -5.24 7.70
CA ASP A 25 -1.26 -5.10 8.63
C ASP A 25 -2.38 -4.30 7.96
N LEU A 26 -2.07 -3.13 7.45
CA LEU A 26 -3.11 -2.30 6.79
C LEU A 26 -3.64 -3.00 5.54
N CYS A 27 -2.77 -3.58 4.75
CA CYS A 27 -3.22 -4.28 3.51
C CYS A 27 -4.16 -5.43 3.85
N LYS A 28 -3.87 -6.15 4.90
CA LYS A 28 -4.75 -7.28 5.29
C LYS A 28 -6.16 -6.77 5.59
N GLY A 29 -6.26 -5.57 6.08
CA GLY A 29 -7.60 -5.00 6.38
C GLY A 29 -8.34 -4.82 5.06
N LEU A 30 -7.61 -4.62 4.00
CA LEU A 30 -8.24 -4.46 2.66
C LEU A 30 -8.31 -5.82 1.97
N LYS A 31 -8.20 -6.88 2.74
CA LYS A 31 -8.26 -8.25 2.17
C LYS A 31 -6.98 -8.59 1.41
N ALA A 32 -5.93 -7.83 1.60
CA ALA A 32 -4.66 -8.13 0.88
C ALA A 32 -3.70 -8.87 1.82
N ASP A 33 -4.13 -9.97 2.37
CA ASP A 33 -3.26 -10.74 3.30
C ASP A 33 -1.82 -10.77 2.79
N SER A 34 -1.64 -10.72 1.50
CA SER A 34 -0.26 -10.75 0.94
C SER A 34 0.27 -9.32 0.77
N GLY A 35 0.42 -8.60 1.85
CA GLY A 35 0.94 -7.22 1.74
C GLY A 35 2.39 -7.18 2.21
N TYR A 36 3.24 -6.52 1.47
CA TYR A 36 4.68 -6.44 1.88
C TYR A 36 5.33 -5.27 1.17
N CYS A 37 6.02 -4.42 1.89
CA CYS A 37 6.66 -3.24 1.25
C CYS A 37 8.08 -3.58 0.78
N TRP A 38 8.43 -3.16 -0.40
CA TRP A 38 9.81 -3.44 -0.91
C TRP A 38 10.80 -2.43 -0.30
N GLY A 39 11.66 -2.89 0.56
CA GLY A 39 12.62 -1.97 1.21
C GLY A 39 13.55 -1.32 0.18
N TRP A 40 13.53 -1.78 -1.04
CA TRP A 40 14.42 -1.16 -2.06
C TRP A 40 13.81 0.14 -2.59
N THR A 41 12.84 0.04 -3.47
CA THR A 41 12.20 1.26 -4.01
C THR A 41 11.00 0.86 -4.88
N LEU A 42 10.27 -0.14 -4.49
CA LEU A 42 9.11 -0.57 -5.31
C LEU A 42 7.80 -0.24 -4.58
N SER A 43 7.81 0.74 -3.72
CA SER A 43 6.56 1.11 -3.01
C SER A 43 5.99 -0.13 -2.30
N CYS A 44 4.85 0.01 -1.67
CA CYS A 44 4.24 -1.17 -0.99
C CYS A 44 3.60 -2.08 -2.05
N TYR A 45 3.52 -3.36 -1.78
CA TYR A 45 2.91 -4.27 -2.79
C TYR A 45 2.01 -5.31 -2.13
N CYS A 46 0.71 -5.14 -2.23
CA CYS A 46 -0.24 -6.12 -1.63
C CYS A 46 -1.13 -6.70 -2.74
N GLN A 47 -1.41 -7.97 -2.68
CA GLN A 47 -2.27 -8.58 -3.73
C GLN A 47 -3.41 -9.39 -3.10
N GLY A 48 -4.54 -9.47 -3.75
CA GLY A 48 -5.68 -10.25 -3.18
C GLY A 48 -6.65 -9.30 -2.48
N LEU A 49 -6.65 -8.06 -2.86
CA LEU A 49 -7.60 -7.07 -2.22
C LEU A 49 -8.78 -6.81 -3.15
N PRO A 50 -9.76 -6.11 -2.66
CA PRO A 50 -10.96 -5.80 -3.49
C PRO A 50 -10.59 -4.84 -4.62
N ASP A 51 -11.33 -4.86 -5.69
CA ASP A 51 -11.02 -3.95 -6.83
C ASP A 51 -11.06 -2.49 -6.37
N ASN A 52 -11.73 -2.22 -5.29
CA ASN A 52 -11.81 -0.82 -4.79
C ASN A 52 -10.61 -0.52 -3.88
N ALA A 53 -9.63 -1.39 -3.87
CA ALA A 53 -8.43 -1.17 -3.01
C ALA A 53 -7.84 0.21 -3.26
N ARG A 54 -7.33 0.84 -2.23
CA ARG A 54 -6.72 2.19 -2.39
C ARG A 54 -5.25 2.06 -2.74
N ILE A 55 -4.85 2.51 -3.90
CA ILE A 55 -3.42 2.40 -4.29
C ILE A 55 -2.95 3.68 -5.00
N LYS A 56 -1.83 3.61 -5.67
CA LYS A 56 -1.29 4.80 -6.38
C LYS A 56 -2.42 5.64 -6.98
N ARG A 57 -2.85 6.65 -6.29
CA ARG A 57 -3.94 7.52 -6.83
C ARG A 57 -3.38 8.89 -7.20
N SER A 58 -2.24 9.24 -6.66
CA SER A 58 -1.64 10.56 -6.99
C SER A 58 -0.18 10.59 -6.51
N GLY A 59 0.59 11.52 -7.01
CA GLY A 59 2.03 11.59 -6.59
C GLY A 59 2.27 12.90 -5.83
N ARG A 60 1.40 13.24 -4.91
CA ARG A 60 1.59 14.50 -4.14
C ARG A 60 1.30 14.27 -2.66
N CYS A 61 1.57 15.24 -1.83
CA CYS A 61 1.30 15.08 -0.37
C CYS A 61 0.25 16.10 0.08
N ARG A 62 -0.96 15.68 0.28
CA ARG A 62 -2.02 16.65 0.72
C ARG A 62 -2.00 16.81 2.24
N ALA A 63 -0.86 16.62 2.85
CA ALA A 63 -0.79 16.75 4.34
C ALA A 63 0.67 16.90 4.79
N LYS A 1 -10.12 -8.18 -5.79
CA LYS A 1 -9.05 -8.92 -6.52
C LYS A 1 -8.16 -7.93 -7.30
N ILE A 2 -7.42 -7.13 -6.59
CA ILE A 2 -6.52 -6.15 -7.28
C ILE A 2 -5.11 -6.22 -6.69
N ASP A 3 -4.14 -5.75 -7.42
CA ASP A 3 -2.75 -5.78 -6.92
C ASP A 3 -2.08 -4.42 -7.16
N GLY A 4 -1.51 -3.83 -6.14
CA GLY A 4 -0.86 -2.51 -6.34
C GLY A 4 -0.20 -2.05 -5.04
N TYR A 5 0.29 -0.84 -5.01
CA TYR A 5 0.94 -0.31 -3.79
C TYR A 5 0.00 0.63 -3.04
N PRO A 6 -0.42 0.21 -1.88
CA PRO A 6 -1.34 1.04 -1.07
C PRO A 6 -0.60 2.21 -0.42
N VAL A 7 -1.22 3.35 -0.34
CA VAL A 7 -0.55 4.54 0.26
C VAL A 7 -1.55 5.34 1.11
N ASP A 8 -1.17 6.51 1.55
CA ASP A 8 -2.10 7.33 2.37
C ASP A 8 -3.26 7.85 1.50
N TYR A 9 -3.78 9.00 1.80
CA TYR A 9 -4.90 9.54 0.99
C TYR A 9 -4.39 10.56 -0.04
N TRP A 10 -3.18 11.02 0.12
CA TRP A 10 -2.61 12.00 -0.85
C TRP A 10 -1.19 11.58 -1.26
N ASN A 11 -0.87 10.33 -1.15
CA ASN A 11 0.50 9.87 -1.54
C ASN A 11 1.55 10.59 -0.70
N CYS A 12 1.14 11.25 0.36
CA CYS A 12 2.11 11.98 1.22
C CYS A 12 2.78 11.04 2.22
N LYS A 13 2.09 10.67 3.26
CA LYS A 13 2.69 9.76 4.29
C LYS A 13 2.30 8.30 4.01
N ARG A 14 2.55 7.45 4.97
CA ARG A 14 2.20 6.00 4.79
C ARG A 14 2.91 5.43 3.57
N ILE A 15 2.21 5.19 2.48
CA ILE A 15 2.86 4.62 1.27
C ILE A 15 3.54 3.29 1.62
N CYS A 16 4.72 3.35 2.17
CA CYS A 16 5.43 2.09 2.54
C CYS A 16 6.08 2.24 3.91
N TRP A 17 5.65 1.48 4.88
CA TRP A 17 6.24 1.58 6.24
C TRP A 17 7.70 1.10 6.20
N TYR A 18 8.18 0.55 7.29
CA TYR A 18 9.59 0.06 7.31
C TYR A 18 9.68 -1.26 8.07
N ASN A 19 8.97 -2.26 7.62
CA ASN A 19 9.01 -3.58 8.33
C ASN A 19 8.55 -4.69 7.38
N ASN A 20 8.48 -5.90 7.86
CA ASN A 20 8.04 -7.03 6.98
C ASN A 20 6.53 -7.22 7.07
N LYS A 21 5.97 -7.13 8.25
CA LYS A 21 4.50 -7.33 8.39
C LYS A 21 3.80 -6.01 8.73
N TYR A 22 4.54 -4.95 8.87
CA TYR A 22 3.91 -3.64 9.21
C TYR A 22 2.84 -3.29 8.17
N CYS A 23 3.21 -3.32 6.91
CA CYS A 23 2.22 -2.99 5.85
C CYS A 23 1.30 -4.18 5.59
N ASN A 24 1.67 -5.34 6.08
CA ASN A 24 0.82 -6.54 5.87
C ASN A 24 -0.39 -6.50 6.81
N ASP A 25 -0.18 -6.11 8.03
CA ASP A 25 -1.33 -6.05 9.00
C ASP A 25 -2.39 -5.07 8.47
N LEU A 26 -1.96 -3.97 7.91
CA LEU A 26 -2.95 -2.98 7.38
C LEU A 26 -3.54 -3.51 6.07
N CYS A 27 -2.71 -4.02 5.19
CA CYS A 27 -3.23 -4.55 3.89
C CYS A 27 -4.21 -5.69 4.17
N LYS A 28 -3.87 -6.58 5.05
CA LYS A 28 -4.79 -7.71 5.36
C LYS A 28 -6.11 -7.14 5.89
N GLY A 29 -6.06 -6.01 6.55
CA GLY A 29 -7.31 -5.41 7.08
C GLY A 29 -8.28 -5.19 5.93
N LEU A 30 -7.78 -4.86 4.77
CA LEU A 30 -8.67 -4.66 3.60
C LEU A 30 -9.02 -6.01 2.98
N LYS A 31 -8.12 -6.96 3.11
CA LYS A 31 -8.30 -8.36 2.57
C LYS A 31 -7.05 -8.79 1.79
N ALA A 32 -6.02 -7.99 1.80
CA ALA A 32 -4.79 -8.36 1.06
C ALA A 32 -3.92 -9.31 1.90
N ASP A 33 -3.78 -10.54 1.48
CA ASP A 33 -2.96 -11.50 2.26
C ASP A 33 -1.46 -11.18 2.09
N SER A 34 -0.97 -11.26 0.90
CA SER A 34 0.47 -10.96 0.65
C SER A 34 0.67 -9.44 0.57
N GLY A 35 0.80 -8.79 1.70
CA GLY A 35 0.99 -7.31 1.67
C GLY A 35 2.30 -6.94 2.38
N TYR A 36 3.32 -6.62 1.63
CA TYR A 36 4.63 -6.24 2.25
C TYR A 36 5.07 -4.88 1.71
N CYS A 37 6.23 -4.42 2.11
CA CYS A 37 6.71 -3.09 1.63
C CYS A 37 7.90 -3.27 0.69
N TRP A 38 8.04 -2.42 -0.28
CA TRP A 38 9.19 -2.54 -1.22
C TRP A 38 10.46 -1.97 -0.58
N GLY A 39 11.60 -2.24 -1.15
CA GLY A 39 12.86 -1.71 -0.55
C GLY A 39 13.64 -0.93 -1.61
N TRP A 40 13.02 0.04 -2.21
CA TRP A 40 13.72 0.84 -3.24
C TRP A 40 13.00 2.18 -3.43
N THR A 41 11.83 2.15 -3.98
CA THR A 41 11.05 3.40 -4.18
C THR A 41 9.70 3.07 -4.83
N LEU A 42 9.14 1.93 -4.54
CA LEU A 42 7.83 1.56 -5.16
C LEU A 42 6.73 1.49 -4.10
N SER A 43 6.92 2.14 -2.98
CA SER A 43 5.87 2.13 -1.92
C SER A 43 5.54 0.69 -1.50
N CYS A 44 4.48 0.52 -0.75
CA CYS A 44 4.11 -0.85 -0.30
C CYS A 44 3.55 -1.66 -1.47
N TYR A 45 3.32 -2.94 -1.28
CA TYR A 45 2.79 -3.76 -2.40
C TYR A 45 1.95 -4.92 -1.86
N CYS A 46 0.66 -4.88 -2.06
CA CYS A 46 -0.20 -6.00 -1.58
C CYS A 46 -1.04 -6.55 -2.73
N GLN A 47 -1.16 -7.84 -2.81
CA GLN A 47 -1.96 -8.44 -3.92
C GLN A 47 -3.12 -9.26 -3.33
N GLY A 48 -4.31 -9.07 -3.83
CA GLY A 48 -5.47 -9.83 -3.30
C GLY A 48 -6.36 -8.90 -2.47
N LEU A 49 -6.57 -7.70 -2.93
CA LEU A 49 -7.42 -6.74 -2.17
C LEU A 49 -8.63 -6.33 -3.03
N PRO A 50 -9.53 -5.60 -2.43
CA PRO A 50 -10.74 -5.14 -3.15
C PRO A 50 -10.35 -4.11 -4.22
N ASP A 51 -11.16 -3.97 -5.24
CA ASP A 51 -10.85 -3.00 -6.32
C ASP A 51 -10.79 -1.57 -5.75
N ASN A 52 -11.39 -1.35 -4.62
CA ASN A 52 -11.37 0.01 -4.02
C ASN A 52 -10.13 0.19 -3.14
N ALA A 53 -9.19 -0.73 -3.22
CA ALA A 53 -7.97 -0.61 -2.39
C ALA A 53 -7.16 0.61 -2.81
N ARG A 54 -7.10 1.61 -1.96
CA ARG A 54 -6.32 2.84 -2.32
C ARG A 54 -4.86 2.49 -2.61
N ILE A 55 -4.30 3.03 -3.65
CA ILE A 55 -2.88 2.72 -3.98
C ILE A 55 -2.25 3.88 -4.77
N LYS A 56 -1.08 3.68 -5.31
CA LYS A 56 -0.40 4.76 -6.07
C LYS A 56 -1.36 5.35 -7.12
N ARG A 57 -2.07 6.38 -6.76
CA ARG A 57 -3.01 7.01 -7.73
C ARG A 57 -2.63 8.48 -7.95
N SER A 58 -1.67 8.96 -7.21
CA SER A 58 -1.25 10.39 -7.37
C SER A 58 0.23 10.45 -7.75
N GLY A 59 0.76 11.64 -7.90
CA GLY A 59 2.20 11.76 -8.27
C GLY A 59 2.95 12.52 -7.17
N ARG A 60 2.32 13.49 -6.58
CA ARG A 60 3.00 14.27 -5.50
C ARG A 60 2.09 14.40 -4.28
N CYS A 61 2.65 14.59 -3.13
CA CYS A 61 1.82 14.74 -1.90
C CYS A 61 0.62 15.66 -2.16
N ARG A 62 -0.57 15.13 -2.09
CA ARG A 62 -1.78 15.96 -2.34
C ARG A 62 -2.28 16.58 -1.03
N ALA A 63 -1.40 17.17 -0.27
CA ALA A 63 -1.83 17.79 1.02
C ALA A 63 -0.65 18.51 1.68
N LYS A 1 -10.10 -8.73 -6.32
CA LYS A 1 -8.77 -9.41 -6.35
C LYS A 1 -7.75 -8.55 -7.12
N ILE A 2 -7.36 -7.44 -6.56
CA ILE A 2 -6.37 -6.57 -7.26
C ILE A 2 -5.03 -6.58 -6.53
N ASP A 3 -3.98 -6.26 -7.23
CA ASP A 3 -2.63 -6.23 -6.61
C ASP A 3 -1.91 -4.94 -6.99
N GLY A 4 -1.59 -4.13 -6.04
CA GLY A 4 -0.89 -2.85 -6.37
C GLY A 4 -0.10 -2.36 -5.15
N TYR A 5 0.07 -1.07 -5.03
CA TYR A 5 0.83 -0.53 -3.87
C TYR A 5 -0.03 0.47 -3.09
N PRO A 6 -0.33 0.09 -1.87
CA PRO A 6 -1.17 0.95 -1.00
C PRO A 6 -0.34 2.11 -0.45
N VAL A 7 -0.95 3.26 -0.29
CA VAL A 7 -0.20 4.44 0.24
C VAL A 7 -1.10 5.24 1.17
N ASP A 8 -0.66 6.40 1.60
CA ASP A 8 -1.50 7.23 2.50
C ASP A 8 -2.74 7.73 1.77
N TYR A 9 -3.54 8.55 2.42
CA TYR A 9 -4.76 9.07 1.75
C TYR A 9 -4.37 10.18 0.77
N TRP A 10 -3.15 10.63 0.82
CA TRP A 10 -2.70 11.70 -0.11
C TRP A 10 -1.36 11.33 -0.74
N ASN A 11 -0.91 10.12 -0.54
CA ASN A 11 0.39 9.71 -1.14
C ASN A 11 1.53 10.61 -0.63
N CYS A 12 1.43 11.08 0.59
CA CYS A 12 2.49 11.96 1.12
C CYS A 12 3.48 11.16 1.98
N LYS A 13 3.04 10.67 3.10
CA LYS A 13 3.96 9.89 3.98
C LYS A 13 3.32 8.57 4.41
N ARG A 14 3.45 7.55 3.60
CA ARG A 14 2.84 6.23 3.95
C ARG A 14 3.06 5.20 2.85
N ILE A 15 3.29 5.65 1.63
CA ILE A 15 3.52 4.72 0.48
C ILE A 15 4.17 3.40 0.95
N CYS A 16 5.18 3.50 1.78
CA CYS A 16 5.85 2.27 2.29
C CYS A 16 6.60 2.59 3.59
N TRP A 17 6.80 1.62 4.43
CA TRP A 17 7.52 1.87 5.71
C TRP A 17 8.85 1.10 5.73
N TYR A 18 9.33 0.75 6.90
CA TYR A 18 10.62 0.02 6.99
C TYR A 18 10.43 -1.31 7.74
N ASN A 19 9.23 -1.76 7.89
CA ASN A 19 8.99 -3.04 8.62
C ASN A 19 8.32 -4.06 7.70
N ASN A 20 8.61 -5.31 7.89
CA ASN A 20 8.00 -6.37 7.03
C ASN A 20 6.65 -6.81 7.63
N LYS A 21 6.01 -5.96 8.37
CA LYS A 21 4.70 -6.34 8.98
C LYS A 21 3.81 -5.10 9.15
N TYR A 22 4.39 -3.98 9.46
CA TYR A 22 3.59 -2.74 9.65
C TYR A 22 2.66 -2.52 8.46
N CYS A 23 3.04 -2.96 7.30
CA CYS A 23 2.18 -2.76 6.09
C CYS A 23 1.17 -3.91 5.97
N ASN A 24 1.65 -5.12 5.85
CA ASN A 24 0.72 -6.28 5.73
C ASN A 24 -0.47 -6.11 6.68
N ASP A 25 -0.22 -5.63 7.87
CA ASP A 25 -1.34 -5.45 8.84
C ASP A 25 -2.41 -4.54 8.26
N LEU A 26 -2.03 -3.43 7.69
CA LEU A 26 -3.04 -2.50 7.10
C LEU A 26 -3.55 -3.07 5.78
N CYS A 27 -2.70 -3.68 5.01
CA CYS A 27 -3.15 -4.26 3.71
C CYS A 27 -4.25 -5.27 3.97
N LYS A 28 -4.12 -6.05 5.01
CA LYS A 28 -5.17 -7.06 5.32
C LYS A 28 -6.50 -6.34 5.55
N GLY A 29 -6.45 -5.13 6.05
CA GLY A 29 -7.70 -4.37 6.28
C GLY A 29 -8.43 -4.22 4.94
N LEU A 30 -7.68 -4.01 3.88
CA LEU A 30 -8.31 -3.87 2.53
C LEU A 30 -8.44 -5.25 1.89
N LYS A 31 -8.39 -6.29 2.69
CA LYS A 31 -8.52 -7.68 2.15
C LYS A 31 -7.25 -8.09 1.40
N ALA A 32 -6.17 -7.39 1.60
CA ALA A 32 -4.90 -7.75 0.89
C ALA A 32 -4.04 -8.63 1.81
N ASP A 33 -4.22 -9.93 1.76
CA ASP A 33 -3.42 -10.84 2.62
C ASP A 33 -1.93 -10.61 2.43
N SER A 34 -1.38 -11.08 1.34
CA SER A 34 0.08 -10.91 1.09
C SER A 34 0.44 -9.43 0.99
N GLY A 35 0.89 -8.84 2.06
CA GLY A 35 1.26 -7.40 2.03
C GLY A 35 2.71 -7.23 2.47
N TYR A 36 3.58 -6.86 1.57
CA TYR A 36 5.01 -6.67 1.93
C TYR A 36 5.56 -5.42 1.22
N CYS A 37 6.42 -4.69 1.86
CA CYS A 37 6.98 -3.46 1.22
C CYS A 37 8.26 -3.77 0.45
N TRP A 38 8.57 -2.99 -0.55
CA TRP A 38 9.81 -3.23 -1.34
C TRP A 38 11.03 -2.70 -0.58
N GLY A 39 12.17 -2.70 -1.21
CA GLY A 39 13.40 -2.18 -0.52
C GLY A 39 13.96 -1.00 -1.31
N TRP A 40 13.75 -0.98 -2.59
CA TRP A 40 14.27 0.15 -3.42
C TRP A 40 13.34 1.36 -3.28
N THR A 41 12.29 1.39 -4.05
CA THR A 41 11.33 2.54 -3.98
C THR A 41 10.04 2.18 -4.69
N LEU A 42 9.49 1.03 -4.41
CA LEU A 42 8.23 0.62 -5.08
C LEU A 42 7.05 0.70 -4.11
N SER A 43 7.14 1.51 -3.09
CA SER A 43 6.01 1.62 -2.15
C SER A 43 5.70 0.24 -1.54
N CYS A 44 4.57 0.12 -0.89
CA CYS A 44 4.20 -1.18 -0.30
C CYS A 44 3.55 -2.05 -1.38
N TYR A 45 3.58 -3.34 -1.23
CA TYR A 45 2.95 -4.21 -2.27
C TYR A 45 1.99 -5.20 -1.62
N CYS A 46 0.73 -5.12 -1.95
CA CYS A 46 -0.25 -6.07 -1.35
C CYS A 46 -1.23 -6.54 -2.43
N GLN A 47 -1.54 -7.81 -2.44
CA GLN A 47 -2.48 -8.33 -3.47
C GLN A 47 -3.67 -9.03 -2.82
N GLY A 48 -4.79 -9.10 -3.49
CA GLY A 48 -5.98 -9.76 -2.90
C GLY A 48 -6.93 -8.72 -2.32
N LEU A 49 -6.75 -7.48 -2.69
CA LEU A 49 -7.68 -6.42 -2.16
C LEU A 49 -8.76 -6.11 -3.20
N PRO A 50 -9.74 -5.34 -2.79
CA PRO A 50 -10.85 -4.98 -3.71
C PRO A 50 -10.36 -4.00 -4.79
N ASP A 51 -11.04 -3.95 -5.91
CA ASP A 51 -10.61 -3.03 -7.00
C ASP A 51 -10.62 -1.59 -6.50
N ASN A 52 -11.40 -1.31 -5.50
CA ASN A 52 -11.45 0.09 -4.94
C ASN A 52 -10.34 0.27 -3.91
N ALA A 53 -9.40 -0.63 -3.87
CA ALA A 53 -8.28 -0.52 -2.89
C ALA A 53 -7.57 0.83 -3.04
N ARG A 54 -6.99 1.33 -1.99
CA ARG A 54 -6.27 2.63 -2.08
C ARG A 54 -4.79 2.38 -2.40
N ILE A 55 -4.36 2.72 -3.58
CA ILE A 55 -2.93 2.48 -3.95
C ILE A 55 -2.44 3.56 -4.92
N LYS A 56 -1.33 3.32 -5.56
CA LYS A 56 -0.78 4.32 -6.53
C LYS A 56 -1.91 4.94 -7.35
N ARG A 57 -2.21 6.19 -7.10
CA ARG A 57 -3.30 6.86 -7.86
C ARG A 57 -2.86 8.27 -8.27
N SER A 58 -1.57 8.52 -8.28
CA SER A 58 -1.07 9.87 -8.65
C SER A 58 -1.49 10.90 -7.59
N GLY A 59 -0.74 11.96 -7.46
CA GLY A 59 -1.09 13.00 -6.44
C GLY A 59 0.13 13.29 -5.58
N ARG A 60 0.80 14.39 -5.84
CA ARG A 60 2.00 14.75 -5.03
C ARG A 60 1.58 15.15 -3.62
N CYS A 61 1.59 14.23 -2.70
CA CYS A 61 1.17 14.56 -1.30
C CYS A 61 -0.08 15.45 -1.33
N ARG A 62 -1.23 14.84 -1.33
CA ARG A 62 -2.50 15.63 -1.35
C ARG A 62 -2.89 16.09 0.06
N ALA A 63 -1.93 16.23 0.94
CA ALA A 63 -2.26 16.66 2.33
C ALA A 63 -3.04 15.56 3.06
N LYS A 1 -10.48 -9.33 -6.48
CA LYS A 1 -9.07 -9.47 -6.01
C LYS A 1 -8.14 -8.63 -6.90
N ILE A 2 -7.39 -7.74 -6.33
CA ILE A 2 -6.47 -6.90 -7.15
C ILE A 2 -5.08 -6.85 -6.50
N ASP A 3 -4.06 -6.61 -7.28
CA ASP A 3 -2.68 -6.55 -6.71
C ASP A 3 -2.03 -5.21 -7.08
N GLY A 4 -1.50 -4.50 -6.13
CA GLY A 4 -0.85 -3.19 -6.46
C GLY A 4 -0.06 -2.68 -5.25
N TYR A 5 0.32 -1.43 -5.28
CA TYR A 5 1.10 -0.86 -4.14
C TYR A 5 0.25 0.15 -3.39
N PRO A 6 -0.24 -0.26 -2.25
CA PRO A 6 -1.10 0.63 -1.43
C PRO A 6 -0.28 1.68 -0.69
N VAL A 7 -0.42 2.93 -1.06
CA VAL A 7 0.35 4.02 -0.37
C VAL A 7 -0.38 4.44 0.90
N ASP A 8 0.05 5.50 1.51
CA ASP A 8 -0.64 5.96 2.76
C ASP A 8 -2.00 6.56 2.41
N TYR A 9 -2.34 7.70 2.97
CA TYR A 9 -3.66 8.31 2.66
C TYR A 9 -3.53 9.29 1.49
N TRP A 10 -2.78 10.34 1.66
CA TRP A 10 -2.62 11.33 0.56
C TRP A 10 -1.23 11.20 -0.06
N ASN A 11 -0.62 10.04 0.01
CA ASN A 11 0.74 9.86 -0.58
C ASN A 11 1.76 10.69 0.23
N CYS A 12 1.34 11.29 1.31
CA CYS A 12 2.27 12.12 2.13
C CYS A 12 3.05 11.23 3.09
N LYS A 13 2.38 10.64 4.04
CA LYS A 13 3.07 9.78 5.03
C LYS A 13 4.19 8.97 4.38
N ARG A 14 3.88 7.83 3.82
CA ARG A 14 4.94 7.01 3.17
C ARG A 14 4.32 5.94 2.27
N ILE A 15 4.44 6.09 0.98
CA ILE A 15 3.87 5.06 0.06
C ILE A 15 4.31 3.67 0.52
N CYS A 16 5.40 3.60 1.22
CA CYS A 16 5.91 2.30 1.73
C CYS A 16 6.68 2.49 3.04
N TRP A 17 6.31 1.78 4.06
CA TRP A 17 7.02 1.94 5.37
C TRP A 17 8.27 1.06 5.39
N TYR A 18 8.80 0.81 6.57
CA TYR A 18 10.02 -0.04 6.66
C TYR A 18 9.64 -1.46 7.11
N ASN A 19 8.95 -1.58 8.20
CA ASN A 19 8.55 -2.92 8.70
C ASN A 19 7.67 -3.62 7.66
N ASN A 20 8.15 -4.69 7.09
CA ASN A 20 7.34 -5.41 6.07
C ASN A 20 6.01 -5.90 6.68
N LYS A 21 5.92 -5.89 7.99
CA LYS A 21 4.65 -6.36 8.64
C LYS A 21 3.72 -5.17 8.90
N TYR A 22 4.28 -3.99 9.07
CA TYR A 22 3.42 -2.81 9.32
C TYR A 22 2.48 -2.57 8.14
N CYS A 23 3.01 -2.59 6.94
CA CYS A 23 2.16 -2.38 5.74
C CYS A 23 1.14 -3.52 5.60
N ASN A 24 1.54 -4.73 5.86
CA ASN A 24 0.59 -5.88 5.75
C ASN A 24 -0.61 -5.65 6.67
N ASP A 25 -0.40 -5.05 7.81
CA ASP A 25 -1.53 -4.81 8.74
C ASP A 25 -2.60 -3.96 8.05
N LEU A 26 -2.23 -2.79 7.58
CA LEU A 26 -3.22 -1.91 6.90
C LEU A 26 -3.73 -2.59 5.63
N CYS A 27 -2.87 -3.27 4.91
CA CYS A 27 -3.33 -3.95 3.68
C CYS A 27 -4.37 -5.02 4.02
N LYS A 28 -4.20 -5.70 5.12
CA LYS A 28 -5.18 -6.75 5.50
C LYS A 28 -6.54 -6.09 5.77
N GLY A 29 -6.53 -4.86 6.20
CA GLY A 29 -7.82 -4.16 6.44
C GLY A 29 -8.55 -4.05 5.10
N LEU A 30 -7.79 -4.04 4.03
CA LEU A 30 -8.40 -3.97 2.68
C LEU A 30 -8.50 -5.39 2.10
N LYS A 31 -8.45 -6.37 2.95
CA LYS A 31 -8.55 -7.79 2.50
C LYS A 31 -7.27 -8.20 1.75
N ALA A 32 -6.23 -7.42 1.80
CA ALA A 32 -4.98 -7.82 1.10
C ALA A 32 -4.14 -8.73 1.98
N ASP A 33 -4.16 -10.01 1.70
CA ASP A 33 -3.37 -10.97 2.53
C ASP A 33 -1.87 -10.65 2.47
N SER A 34 -1.21 -11.05 1.42
CA SER A 34 0.25 -10.78 1.29
C SER A 34 0.50 -9.28 1.15
N GLY A 35 0.75 -8.60 2.24
CA GLY A 35 1.00 -7.13 2.17
C GLY A 35 2.42 -6.81 2.62
N TYR A 36 3.38 -6.92 1.74
CA TYR A 36 4.79 -6.63 2.12
C TYR A 36 5.29 -5.40 1.35
N CYS A 37 6.21 -4.66 1.92
CA CYS A 37 6.73 -3.45 1.21
C CYS A 37 8.01 -3.78 0.44
N TRP A 38 8.32 -3.02 -0.58
CA TRP A 38 9.56 -3.30 -1.35
C TRP A 38 10.76 -2.72 -0.61
N GLY A 39 11.96 -3.06 -1.02
CA GLY A 39 13.15 -2.54 -0.31
C GLY A 39 13.84 -1.48 -1.18
N TRP A 40 13.68 -1.57 -2.46
CA TRP A 40 14.32 -0.57 -3.36
C TRP A 40 13.50 0.72 -3.38
N THR A 41 12.58 0.84 -4.30
CA THR A 41 11.73 2.07 -4.36
C THR A 41 10.44 1.76 -5.12
N LEU A 42 9.79 0.68 -4.81
CA LEU A 42 8.53 0.35 -5.53
C LEU A 42 7.32 0.47 -4.60
N SER A 43 7.38 1.36 -3.65
CA SER A 43 6.23 1.54 -2.71
C SER A 43 5.87 0.20 -2.06
N CYS A 44 4.79 0.16 -1.33
CA CYS A 44 4.38 -1.10 -0.67
C CYS A 44 3.71 -2.03 -1.69
N TYR A 45 3.53 -3.28 -1.35
CA TYR A 45 2.89 -4.22 -2.30
C TYR A 45 1.92 -5.16 -1.57
N CYS A 46 0.67 -5.14 -1.92
CA CYS A 46 -0.31 -6.04 -1.26
C CYS A 46 -1.22 -6.67 -2.31
N GLN A 47 -1.47 -7.95 -2.20
CA GLN A 47 -2.34 -8.63 -3.19
C GLN A 47 -3.60 -9.16 -2.50
N GLY A 48 -4.72 -9.10 -3.17
CA GLY A 48 -5.99 -9.61 -2.56
C GLY A 48 -6.80 -8.44 -2.01
N LEU A 49 -6.72 -7.28 -2.63
CA LEU A 49 -7.51 -6.12 -2.13
C LEU A 49 -8.72 -5.91 -3.05
N PRO A 50 -9.55 -4.95 -2.68
CA PRO A 50 -10.76 -4.65 -3.49
C PRO A 50 -10.36 -4.01 -4.82
N ASP A 51 -11.19 -4.11 -5.81
CA ASP A 51 -10.86 -3.48 -7.12
C ASP A 51 -10.68 -1.98 -6.93
N ASN A 52 -11.19 -1.45 -5.86
CA ASN A 52 -11.04 0.02 -5.61
C ASN A 52 -9.95 0.25 -4.56
N ALA A 53 -9.04 -0.68 -4.43
CA ALA A 53 -7.96 -0.52 -3.42
C ALA A 53 -7.07 0.68 -3.75
N ARG A 54 -6.94 1.61 -2.85
CA ARG A 54 -6.10 2.81 -3.11
C ARG A 54 -4.62 2.42 -3.17
N ILE A 55 -4.03 2.51 -4.33
CA ILE A 55 -2.60 2.14 -4.46
C ILE A 55 -1.89 3.06 -5.46
N LYS A 56 -0.78 3.64 -5.05
CA LYS A 56 0.00 4.56 -5.93
C LYS A 56 -0.91 5.28 -6.93
N ARG A 57 -1.95 5.91 -6.45
CA ARG A 57 -2.85 6.65 -7.38
C ARG A 57 -3.07 8.09 -6.90
N SER A 58 -2.33 8.49 -5.90
CA SER A 58 -2.48 9.87 -5.38
C SER A 58 -1.49 10.81 -6.07
N GLY A 59 -1.83 12.07 -6.17
CA GLY A 59 -0.90 13.02 -6.84
C GLY A 59 0.21 13.42 -5.88
N ARG A 60 0.55 14.69 -5.83
CA ARG A 60 1.63 15.14 -4.91
C ARG A 60 1.05 15.48 -3.54
N CYS A 61 1.04 14.52 -2.64
CA CYS A 61 0.49 14.79 -1.28
C CYS A 61 -0.93 15.38 -1.39
N ARG A 62 -1.93 14.59 -1.18
CA ARG A 62 -3.33 15.10 -1.26
C ARG A 62 -3.73 15.80 0.03
N ALA A 63 -2.88 16.65 0.55
CA ALA A 63 -3.21 17.36 1.82
C ALA A 63 -2.16 18.44 2.12
N LYS A 1 -10.36 -8.07 -5.45
CA LYS A 1 -9.47 -8.87 -6.34
C LYS A 1 -8.57 -7.94 -7.17
N ILE A 2 -7.76 -7.16 -6.51
CA ILE A 2 -6.86 -6.24 -7.25
C ILE A 2 -5.44 -6.31 -6.68
N ASP A 3 -4.48 -5.78 -7.39
CA ASP A 3 -3.07 -5.83 -6.88
C ASP A 3 -2.35 -4.52 -7.21
N GLY A 4 -1.59 -4.00 -6.30
CA GLY A 4 -0.86 -2.74 -6.58
C GLY A 4 -0.09 -2.30 -5.33
N TYR A 5 0.06 -1.01 -5.14
CA TYR A 5 0.80 -0.52 -3.95
C TYR A 5 -0.08 0.45 -3.14
N PRO A 6 -0.35 0.06 -1.92
CA PRO A 6 -1.20 0.90 -1.04
C PRO A 6 -0.39 2.12 -0.54
N VAL A 7 -0.97 3.28 -0.59
CA VAL A 7 -0.24 4.50 -0.12
C VAL A 7 -1.15 5.39 0.72
N ASP A 8 -0.73 6.59 1.01
CA ASP A 8 -1.57 7.50 1.83
C ASP A 8 -2.64 8.16 0.97
N TYR A 9 -3.55 8.86 1.58
CA TYR A 9 -4.63 9.54 0.80
C TYR A 9 -4.02 10.56 -0.16
N TRP A 10 -2.80 10.98 0.10
CA TRP A 10 -2.14 11.98 -0.78
C TRP A 10 -0.73 11.51 -1.14
N ASN A 11 -0.41 10.26 -0.87
CA ASN A 11 0.96 9.76 -1.19
C ASN A 11 1.99 10.64 -0.49
N CYS A 12 1.67 11.11 0.69
CA CYS A 12 2.63 12.00 1.44
C CYS A 12 3.56 11.19 2.33
N LYS A 13 3.02 10.36 3.19
CA LYS A 13 3.90 9.58 4.11
C LYS A 13 3.64 8.07 4.00
N ARG A 14 2.43 7.64 4.20
CA ARG A 14 2.11 6.17 4.13
C ARG A 14 2.95 5.48 3.03
N ILE A 15 2.40 5.31 1.86
CA ILE A 15 3.16 4.65 0.76
C ILE A 15 3.77 3.33 1.26
N CYS A 16 4.96 3.38 1.80
CA CYS A 16 5.61 2.14 2.29
C CYS A 16 6.22 2.40 3.68
N TRP A 17 6.02 1.51 4.61
CA TRP A 17 6.60 1.73 5.97
C TRP A 17 8.01 1.14 6.06
N TYR A 18 8.45 0.82 7.24
CA TYR A 18 9.82 0.25 7.40
C TYR A 18 9.74 -1.24 7.72
N ASN A 19 8.71 -1.64 8.42
CA ASN A 19 8.57 -3.08 8.77
C ASN A 19 7.84 -3.83 7.66
N ASN A 20 8.07 -5.10 7.53
CA ASN A 20 7.39 -5.89 6.46
C ASN A 20 6.03 -6.38 6.97
N LYS A 21 5.83 -6.37 8.25
CA LYS A 21 4.52 -6.84 8.81
C LYS A 21 3.62 -5.64 9.06
N TYR A 22 4.14 -4.45 8.98
CA TYR A 22 3.29 -3.24 9.22
C TYR A 22 2.29 -3.07 8.07
N CYS A 23 2.77 -2.95 6.87
CA CYS A 23 1.84 -2.77 5.71
C CYS A 23 1.01 -4.04 5.52
N ASN A 24 1.52 -5.17 5.90
CA ASN A 24 0.76 -6.44 5.75
C ASN A 24 -0.43 -6.46 6.71
N ASP A 25 -0.24 -5.99 7.91
CA ASP A 25 -1.36 -5.98 8.88
C ASP A 25 -2.52 -5.16 8.34
N LEU A 26 -2.24 -3.99 7.80
CA LEU A 26 -3.33 -3.15 7.25
C LEU A 26 -3.81 -3.73 5.91
N CYS A 27 -2.91 -4.15 5.08
CA CYS A 27 -3.32 -4.73 3.77
C CYS A 27 -4.22 -5.93 4.01
N LYS A 28 -3.92 -6.73 5.00
CA LYS A 28 -4.77 -7.91 5.28
C LYS A 28 -6.19 -7.45 5.63
N GLY A 29 -6.31 -6.26 6.16
CA GLY A 29 -7.66 -5.73 6.49
C GLY A 29 -8.45 -5.65 5.19
N LEU A 30 -7.79 -5.32 4.12
CA LEU A 30 -8.47 -5.25 2.80
C LEU A 30 -8.37 -6.61 2.11
N LYS A 31 -8.15 -7.65 2.86
CA LYS A 31 -8.05 -9.01 2.26
C LYS A 31 -6.78 -9.13 1.40
N ALA A 32 -5.84 -8.22 1.54
CA ALA A 32 -4.60 -8.32 0.72
C ALA A 32 -3.61 -9.27 1.41
N ASP A 33 -3.68 -10.54 1.10
CA ASP A 33 -2.76 -11.52 1.74
C ASP A 33 -1.31 -11.03 1.70
N SER A 34 -0.63 -11.26 0.60
CA SER A 34 0.79 -10.81 0.51
C SER A 34 0.88 -9.29 0.47
N GLY A 35 1.01 -8.66 1.60
CA GLY A 35 1.10 -7.17 1.62
C GLY A 35 2.36 -6.75 2.38
N TYR A 36 3.42 -6.46 1.69
CA TYR A 36 4.67 -6.05 2.39
C TYR A 36 5.10 -4.64 1.95
N CYS A 37 6.28 -4.22 2.31
CA CYS A 37 6.75 -2.86 1.94
C CYS A 37 8.13 -2.95 1.26
N TRP A 38 8.27 -2.36 0.10
CA TRP A 38 9.60 -2.41 -0.59
C TRP A 38 10.55 -1.38 0.01
N GLY A 39 11.82 -1.67 0.05
CA GLY A 39 12.79 -0.69 0.62
C GLY A 39 13.68 -0.12 -0.48
N TRP A 40 13.09 0.54 -1.44
CA TRP A 40 13.90 1.13 -2.55
C TRP A 40 13.10 2.23 -3.25
N THR A 41 12.08 1.86 -3.97
CA THR A 41 11.27 2.88 -4.69
C THR A 41 10.02 2.23 -5.29
N LEU A 42 9.46 1.27 -4.62
CA LEU A 42 8.23 0.60 -5.16
C LEU A 42 7.06 0.76 -4.19
N SER A 43 7.21 1.59 -3.19
CA SER A 43 6.11 1.79 -2.21
C SER A 43 5.67 0.44 -1.63
N CYS A 44 4.58 0.43 -0.91
CA CYS A 44 4.09 -0.86 -0.33
C CYS A 44 3.47 -1.70 -1.44
N TYR A 45 3.44 -3.00 -1.28
CA TYR A 45 2.85 -3.85 -2.34
C TYR A 45 1.96 -4.95 -1.75
N CYS A 46 0.68 -4.87 -1.99
CA CYS A 46 -0.25 -5.92 -1.46
C CYS A 46 -1.12 -6.45 -2.59
N GLN A 47 -1.42 -7.72 -2.57
CA GLN A 47 -2.28 -8.30 -3.64
C GLN A 47 -3.47 -9.04 -3.03
N GLY A 48 -4.59 -9.01 -3.69
CA GLY A 48 -5.79 -9.71 -3.14
C GLY A 48 -6.65 -8.72 -2.36
N LEU A 49 -6.68 -7.48 -2.78
CA LEU A 49 -7.51 -6.47 -2.07
C LEU A 49 -8.73 -6.09 -2.92
N PRO A 50 -9.63 -5.35 -2.34
CA PRO A 50 -10.85 -4.93 -3.07
C PRO A 50 -10.51 -3.92 -4.17
N ASP A 51 -11.36 -3.79 -5.15
CA ASP A 51 -11.09 -2.83 -6.25
C ASP A 51 -11.01 -1.40 -5.69
N ASN A 52 -11.48 -1.20 -4.49
CA ASN A 52 -11.43 0.16 -3.89
C ASN A 52 -10.19 0.28 -3.00
N ALA A 53 -9.24 -0.61 -3.14
CA ALA A 53 -8.02 -0.55 -2.30
C ALA A 53 -7.27 0.76 -2.54
N ARG A 54 -6.95 1.48 -1.50
CA ARG A 54 -6.22 2.76 -1.66
C ARG A 54 -4.78 2.49 -2.08
N ILE A 55 -4.48 2.60 -3.35
CA ILE A 55 -3.09 2.35 -3.81
C ILE A 55 -2.66 3.40 -4.84
N LYS A 56 -1.65 3.10 -5.61
CA LYS A 56 -1.14 4.06 -6.64
C LYS A 56 -2.26 4.97 -7.16
N ARG A 57 -2.36 6.15 -6.62
CA ARG A 57 -3.42 7.10 -7.08
C ARG A 57 -2.78 8.28 -7.80
N SER A 58 -1.48 8.29 -7.91
CA SER A 58 -0.78 9.40 -8.60
C SER A 58 -0.95 10.71 -7.80
N GLY A 59 -0.27 11.75 -8.20
CA GLY A 59 -0.38 13.04 -7.47
C GLY A 59 0.62 13.06 -6.31
N ARG A 60 1.65 13.86 -6.43
CA ARG A 60 2.66 13.92 -5.33
C ARG A 60 1.97 14.13 -3.98
N CYS A 61 2.72 14.21 -2.93
CA CYS A 61 2.11 14.41 -1.58
C CYS A 61 1.00 15.47 -1.66
N ARG A 62 -0.23 15.04 -1.78
CA ARG A 62 -1.36 16.01 -1.86
C ARG A 62 -1.77 16.46 -0.46
N ALA A 63 -0.82 16.78 0.37
CA ALA A 63 -1.17 17.22 1.76
C ALA A 63 0.10 17.66 2.50
N LYS A 1 -10.36 -8.60 -5.15
CA LYS A 1 -9.19 -9.44 -5.52
C LYS A 1 -8.28 -8.69 -6.48
N ILE A 2 -7.51 -7.75 -5.98
CA ILE A 2 -6.59 -6.98 -6.88
C ILE A 2 -5.20 -6.90 -6.26
N ASP A 3 -4.21 -6.59 -7.05
CA ASP A 3 -2.83 -6.48 -6.52
C ASP A 3 -2.22 -5.15 -6.93
N GLY A 4 -1.67 -4.41 -6.00
CA GLY A 4 -1.07 -3.09 -6.36
C GLY A 4 -0.25 -2.54 -5.19
N TYR A 5 0.17 -1.30 -5.28
CA TYR A 5 0.97 -0.71 -4.18
C TYR A 5 0.14 0.33 -3.41
N PRO A 6 -0.33 -0.09 -2.26
CA PRO A 6 -1.15 0.81 -1.41
C PRO A 6 -0.26 1.87 -0.75
N VAL A 7 -0.74 3.10 -0.71
CA VAL A 7 0.07 4.19 -0.10
C VAL A 7 -0.68 4.82 1.08
N ASP A 8 -0.20 5.93 1.56
CA ASP A 8 -0.90 6.59 2.71
C ASP A 8 -2.26 7.12 2.27
N TYR A 9 -2.74 8.16 2.88
CA TYR A 9 -4.06 8.73 2.50
C TYR A 9 -3.91 9.72 1.35
N TRP A 10 -2.84 10.45 1.31
CA TRP A 10 -2.64 11.43 0.20
C TRP A 10 -1.26 11.25 -0.45
N ASN A 11 -0.79 10.04 -0.52
CA ASN A 11 0.54 9.78 -1.14
C ASN A 11 1.62 10.60 -0.42
N CYS A 12 1.33 11.08 0.75
CA CYS A 12 2.34 11.88 1.50
C CYS A 12 2.86 11.11 2.71
N LYS A 13 1.97 10.49 3.44
CA LYS A 13 2.40 9.72 4.63
C LYS A 13 3.17 8.46 4.22
N ARG A 14 4.24 8.63 3.50
CA ARG A 14 5.04 7.45 3.07
C ARG A 14 4.18 6.49 2.22
N ILE A 15 4.62 6.21 1.02
CA ILE A 15 3.86 5.28 0.15
C ILE A 15 4.16 3.83 0.55
N CYS A 16 5.16 3.65 1.36
CA CYS A 16 5.54 2.27 1.83
C CYS A 16 6.08 2.36 3.27
N TRP A 17 6.04 1.28 4.00
CA TRP A 17 6.56 1.33 5.40
C TRP A 17 7.92 0.65 5.51
N TYR A 18 8.62 0.85 6.59
CA TYR A 18 9.96 0.22 6.76
C TYR A 18 9.80 -1.23 7.23
N ASN A 19 8.78 -1.51 7.99
CA ASN A 19 8.58 -2.91 8.48
C ASN A 19 7.59 -3.64 7.59
N ASN A 20 8.04 -4.66 6.90
CA ASN A 20 7.14 -5.42 6.00
C ASN A 20 5.83 -5.76 6.72
N LYS A 21 5.87 -5.88 8.02
CA LYS A 21 4.64 -6.20 8.78
C LYS A 21 3.73 -4.98 8.90
N TYR A 22 4.32 -3.81 8.98
CA TYR A 22 3.49 -2.57 9.09
C TYR A 22 2.50 -2.49 7.93
N CYS A 23 2.94 -2.82 6.74
CA CYS A 23 2.01 -2.76 5.57
C CYS A 23 1.09 -3.99 5.55
N ASN A 24 1.65 -5.16 5.63
CA ASN A 24 0.80 -6.40 5.62
C ASN A 24 -0.35 -6.27 6.63
N ASP A 25 -0.07 -5.73 7.78
CA ASP A 25 -1.14 -5.58 8.81
C ASP A 25 -2.32 -4.76 8.24
N LEU A 26 -2.04 -3.60 7.71
CA LEU A 26 -3.14 -2.77 7.14
C LEU A 26 -3.68 -3.39 5.85
N CYS A 27 -2.84 -4.00 5.08
CA CYS A 27 -3.31 -4.63 3.80
C CYS A 27 -4.31 -5.73 4.12
N LYS A 28 -4.01 -6.57 5.08
CA LYS A 28 -4.96 -7.66 5.43
C LYS A 28 -6.31 -7.05 5.82
N GLY A 29 -6.29 -5.84 6.32
CA GLY A 29 -7.58 -5.19 6.71
C GLY A 29 -8.45 -5.07 5.47
N LEU A 30 -7.84 -4.79 4.34
CA LEU A 30 -8.63 -4.68 3.08
C LEU A 30 -8.68 -6.05 2.39
N LYS A 31 -8.47 -7.09 3.16
CA LYS A 31 -8.50 -8.48 2.58
C LYS A 31 -7.24 -8.75 1.75
N ALA A 32 -6.24 -7.91 1.85
CA ALA A 32 -5.00 -8.15 1.05
C ALA A 32 -4.05 -9.06 1.83
N ASP A 33 -4.23 -10.35 1.71
CA ASP A 33 -3.36 -11.31 2.44
C ASP A 33 -1.88 -10.98 2.25
N SER A 34 -1.28 -11.49 1.21
CA SER A 34 0.17 -11.22 0.97
C SER A 34 0.42 -9.72 0.79
N GLY A 35 0.80 -9.04 1.83
CA GLY A 35 1.05 -7.58 1.71
C GLY A 35 2.39 -7.23 2.36
N TYR A 36 3.28 -6.63 1.62
CA TYR A 36 4.61 -6.24 2.19
C TYR A 36 5.07 -4.92 1.60
N CYS A 37 6.26 -4.49 1.90
CA CYS A 37 6.74 -3.19 1.35
C CYS A 37 8.07 -3.36 0.62
N TRP A 38 8.23 -2.73 -0.52
CA TRP A 38 9.51 -2.86 -1.27
C TRP A 38 10.49 -1.79 -0.79
N GLY A 39 11.41 -2.15 0.08
CA GLY A 39 12.39 -1.15 0.60
C GLY A 39 13.35 -0.74 -0.51
N TRP A 40 12.88 -0.02 -1.49
CA TRP A 40 13.77 0.43 -2.60
C TRP A 40 13.14 1.62 -3.31
N THR A 41 12.01 1.41 -3.95
CA THR A 41 11.32 2.53 -4.66
C THR A 41 10.11 1.98 -5.41
N LEU A 42 9.42 1.03 -4.84
CA LEU A 42 8.23 0.46 -5.53
C LEU A 42 7.00 0.54 -4.61
N SER A 43 7.04 1.37 -3.62
CA SER A 43 5.86 1.50 -2.71
C SER A 43 5.50 0.15 -2.11
N CYS A 44 4.45 0.11 -1.33
CA CYS A 44 4.02 -1.19 -0.71
C CYS A 44 3.46 -2.10 -1.81
N TYR A 45 3.16 -3.33 -1.49
CA TYR A 45 2.60 -4.25 -2.52
C TYR A 45 1.77 -5.35 -1.87
N CYS A 46 0.48 -5.27 -1.99
CA CYS A 46 -0.40 -6.31 -1.38
C CYS A 46 -1.35 -6.86 -2.44
N GLN A 47 -1.55 -8.15 -2.47
CA GLN A 47 -2.47 -8.73 -3.49
C GLN A 47 -3.67 -9.40 -2.80
N GLY A 48 -4.87 -9.10 -3.22
CA GLY A 48 -6.07 -9.72 -2.59
C GLY A 48 -6.93 -8.64 -1.96
N LEU A 49 -6.84 -7.43 -2.45
CA LEU A 49 -7.68 -6.33 -1.87
C LEU A 49 -8.83 -6.02 -2.83
N PRO A 50 -9.73 -5.18 -2.40
CA PRO A 50 -10.90 -4.81 -3.24
C PRO A 50 -10.45 -3.98 -4.45
N ASP A 51 -11.23 -3.98 -5.50
CA ASP A 51 -10.85 -3.20 -6.72
C ASP A 51 -10.69 -1.72 -6.37
N ASN A 52 -11.28 -1.30 -5.30
CA ASN A 52 -11.17 0.14 -4.90
C ASN A 52 -9.97 0.33 -3.97
N ALA A 53 -9.10 -0.65 -3.90
CA ALA A 53 -7.91 -0.52 -3.01
C ALA A 53 -7.08 0.70 -3.40
N ARG A 54 -6.81 1.57 -2.47
CA ARG A 54 -6.02 2.79 -2.80
C ARG A 54 -4.59 2.39 -3.21
N ILE A 55 -4.04 3.04 -4.20
CA ILE A 55 -2.66 2.68 -4.65
C ILE A 55 -1.88 3.95 -5.01
N LYS A 56 -0.62 3.80 -5.33
CA LYS A 56 0.21 4.98 -5.70
C LYS A 56 -0.39 5.67 -6.92
N ARG A 57 -1.37 6.51 -6.74
CA ARG A 57 -1.98 7.22 -7.90
C ARG A 57 -1.35 8.59 -8.08
N SER A 58 -0.19 8.80 -7.54
CA SER A 58 0.48 10.12 -7.69
C SER A 58 -0.34 11.21 -7.00
N GLY A 59 0.00 12.45 -7.23
CA GLY A 59 -0.76 13.56 -6.58
C GLY A 59 0.19 14.40 -5.72
N ARG A 60 1.42 13.97 -5.60
CA ARG A 60 2.40 14.75 -4.78
C ARG A 60 1.75 15.24 -3.49
N CYS A 61 1.66 14.39 -2.50
CA CYS A 61 1.04 14.82 -1.20
C CYS A 61 -0.29 15.53 -1.46
N ARG A 62 -1.39 14.85 -1.29
CA ARG A 62 -2.71 15.49 -1.49
C ARG A 62 -3.22 16.12 -0.20
N ALA A 63 -2.35 16.81 0.51
CA ALA A 63 -2.79 17.44 1.79
C ALA A 63 -1.71 18.43 2.27
N LYS A 1 -10.47 -9.24 -6.61
CA LYS A 1 -9.03 -9.61 -6.45
C LYS A 1 -8.15 -8.66 -7.27
N ILE A 2 -7.50 -7.73 -6.62
CA ILE A 2 -6.62 -6.78 -7.36
C ILE A 2 -5.22 -6.75 -6.73
N ASP A 3 -4.24 -6.33 -7.47
CA ASP A 3 -2.86 -6.28 -6.92
C ASP A 3 -2.21 -4.94 -7.26
N GLY A 4 -1.49 -4.35 -6.34
CA GLY A 4 -0.83 -3.05 -6.63
C GLY A 4 -0.17 -2.50 -5.36
N TYR A 5 0.17 -1.24 -5.35
CA TYR A 5 0.81 -0.65 -4.14
C TYR A 5 -0.11 0.36 -3.47
N PRO A 6 -0.78 -0.08 -2.45
CA PRO A 6 -1.70 0.81 -1.71
C PRO A 6 -0.92 1.83 -0.86
N VAL A 7 -1.06 3.09 -1.16
CA VAL A 7 -0.32 4.12 -0.39
C VAL A 7 -1.05 4.40 0.94
N ASP A 8 -0.56 5.33 1.71
CA ASP A 8 -1.23 5.64 3.01
C ASP A 8 -2.65 6.14 2.76
N TYR A 9 -2.86 7.43 2.73
CA TYR A 9 -4.23 7.96 2.48
C TYR A 9 -4.16 9.05 1.42
N TRP A 10 -3.41 10.09 1.66
CA TRP A 10 -3.29 11.18 0.65
C TRP A 10 -1.91 11.11 -0.01
N ASN A 11 -1.24 9.99 0.11
CA ASN A 11 0.11 9.85 -0.50
C ASN A 11 1.08 10.89 0.09
N CYS A 12 0.69 11.55 1.15
CA CYS A 12 1.58 12.57 1.77
C CYS A 12 2.90 11.94 2.22
N LYS A 13 2.82 10.99 3.11
CA LYS A 13 4.07 10.33 3.59
C LYS A 13 4.76 9.59 2.45
N ARG A 14 4.12 8.60 1.89
CA ARG A 14 4.75 7.85 0.77
C ARG A 14 3.90 6.63 0.39
N ILE A 15 4.30 5.91 -0.62
CA ILE A 15 3.51 4.70 -1.03
C ILE A 15 3.81 3.54 -0.07
N CYS A 16 4.86 3.67 0.70
CA CYS A 16 5.22 2.59 1.68
C CYS A 16 5.74 3.22 2.97
N TRP A 17 5.68 2.50 4.05
CA TRP A 17 6.17 3.06 5.35
C TRP A 17 7.62 2.62 5.59
N TYR A 18 7.85 1.80 6.59
CA TYR A 18 9.25 1.35 6.86
C TYR A 18 9.24 0.04 7.65
N ASN A 19 8.62 -0.98 7.11
CA ASN A 19 8.57 -2.28 7.83
C ASN A 19 8.01 -3.36 6.91
N ASN A 20 8.35 -4.60 7.15
CA ASN A 20 7.84 -5.71 6.29
C ASN A 20 6.47 -6.17 6.77
N LYS A 21 6.00 -5.65 7.88
CA LYS A 21 4.67 -6.08 8.39
C LYS A 21 3.70 -4.89 8.46
N TYR A 22 4.21 -3.70 8.68
CA TYR A 22 3.32 -2.51 8.76
C TYR A 22 2.46 -2.42 7.50
N CYS A 23 3.08 -2.42 6.35
CA CYS A 23 2.29 -2.33 5.08
C CYS A 23 1.37 -3.55 4.95
N ASN A 24 1.66 -4.61 5.66
CA ASN A 24 0.81 -5.83 5.58
C ASN A 24 -0.39 -5.70 6.53
N ASP A 25 -0.17 -5.23 7.72
CA ASP A 25 -1.30 -5.09 8.68
C ASP A 25 -2.37 -4.17 8.10
N LEU A 26 -1.96 -3.08 7.51
CA LEU A 26 -2.96 -2.14 6.91
C LEU A 26 -3.57 -2.77 5.65
N CYS A 27 -2.75 -3.31 4.79
CA CYS A 27 -3.27 -3.94 3.55
C CYS A 27 -4.24 -5.07 3.91
N LYS A 28 -3.92 -5.83 4.90
CA LYS A 28 -4.84 -6.94 5.30
C LYS A 28 -6.16 -6.35 5.80
N GLY A 29 -6.10 -5.20 6.42
CA GLY A 29 -7.35 -4.57 6.92
C GLY A 29 -8.32 -4.46 5.75
N LEU A 30 -7.82 -4.24 4.57
CA LEU A 30 -8.72 -4.15 3.39
C LEU A 30 -9.06 -5.56 2.90
N LYS A 31 -8.11 -6.46 3.00
CA LYS A 31 -8.30 -7.91 2.59
C LYS A 31 -7.01 -8.43 1.93
N ALA A 32 -6.01 -7.60 1.78
CA ALA A 32 -4.74 -8.06 1.14
C ALA A 32 -3.88 -8.82 2.15
N ASP A 33 -4.00 -10.12 2.17
CA ASP A 33 -3.18 -10.91 3.14
C ASP A 33 -1.69 -10.78 2.80
N SER A 34 -1.34 -10.91 1.56
CA SER A 34 0.09 -10.80 1.17
C SER A 34 0.47 -9.33 0.94
N GLY A 35 0.73 -8.62 2.00
CA GLY A 35 1.11 -7.18 1.86
C GLY A 35 2.51 -6.96 2.43
N TYR A 36 3.49 -6.84 1.57
CA TYR A 36 4.88 -6.62 2.08
C TYR A 36 5.50 -5.37 1.42
N CYS A 37 6.10 -4.53 2.20
CA CYS A 37 6.72 -3.29 1.63
C CYS A 37 8.13 -3.60 1.11
N TRP A 38 8.40 -3.26 -0.12
CA TRP A 38 9.75 -3.54 -0.69
C TRP A 38 10.75 -2.47 -0.22
N GLY A 39 11.95 -2.87 0.10
CA GLY A 39 12.97 -1.89 0.56
C GLY A 39 13.76 -1.37 -0.64
N TRP A 40 13.30 -1.65 -1.82
CA TRP A 40 14.03 -1.18 -3.04
C TRP A 40 13.29 0.00 -3.67
N THR A 41 12.16 -0.25 -4.25
CA THR A 41 11.38 0.85 -4.89
C THR A 41 10.00 0.35 -5.33
N LEU A 42 9.44 -0.58 -4.61
CA LEU A 42 8.10 -1.11 -5.00
C LEU A 42 7.05 -0.70 -3.95
N SER A 43 7.39 0.22 -3.09
CA SER A 43 6.41 0.67 -2.06
C SER A 43 5.71 -0.53 -1.42
N CYS A 44 4.63 -0.27 -0.71
CA CYS A 44 3.88 -1.39 -0.07
C CYS A 44 3.20 -2.24 -1.14
N TYR A 45 3.62 -3.47 -1.29
CA TYR A 45 2.99 -4.34 -2.33
C TYR A 45 1.96 -5.27 -1.69
N CYS A 46 0.74 -5.22 -2.14
CA CYS A 46 -0.30 -6.10 -1.57
C CYS A 46 -1.13 -6.75 -2.68
N GLN A 47 -1.26 -8.04 -2.65
CA GLN A 47 -2.06 -8.73 -3.71
C GLN A 47 -3.26 -9.43 -3.08
N GLY A 48 -4.41 -9.30 -3.68
CA GLY A 48 -5.62 -9.96 -3.10
C GLY A 48 -6.45 -8.93 -2.33
N LEU A 49 -6.62 -7.76 -2.89
CA LEU A 49 -7.42 -6.71 -2.19
C LEU A 49 -8.69 -6.39 -2.99
N PRO A 50 -9.55 -5.62 -2.40
CA PRO A 50 -10.82 -5.23 -3.07
C PRO A 50 -10.56 -4.25 -4.21
N ASP A 51 -11.45 -4.17 -5.16
CA ASP A 51 -11.26 -3.24 -6.30
C ASP A 51 -11.13 -1.80 -5.79
N ASN A 52 -11.59 -1.54 -4.59
CA ASN A 52 -11.48 -0.17 -4.02
C ASN A 52 -10.10 0.04 -3.40
N ALA A 53 -9.22 -0.91 -3.56
CA ALA A 53 -7.86 -0.78 -2.98
C ALA A 53 -7.12 0.40 -3.61
N ARG A 54 -6.97 1.49 -2.88
CA ARG A 54 -6.25 2.66 -3.45
C ARG A 54 -4.81 2.29 -3.77
N ILE A 55 -4.18 3.00 -4.68
CA ILE A 55 -2.77 2.69 -5.04
C ILE A 55 -1.98 3.97 -5.30
N LYS A 56 -0.73 3.85 -5.64
CA LYS A 56 0.09 5.07 -5.92
C LYS A 56 -0.51 5.85 -7.08
N ARG A 57 -1.47 6.69 -6.82
CA ARG A 57 -2.09 7.48 -7.93
C ARG A 57 -1.63 8.93 -7.85
N SER A 58 -1.01 9.32 -6.78
CA SER A 58 -0.53 10.73 -6.66
C SER A 58 0.79 10.77 -5.86
N GLY A 59 1.46 11.88 -5.89
CA GLY A 59 2.74 11.99 -5.14
C GLY A 59 2.95 13.43 -4.66
N ARG A 60 1.89 14.10 -4.29
CA ARG A 60 2.03 15.50 -3.80
C ARG A 60 1.16 15.73 -2.57
N CYS A 61 1.14 14.78 -1.69
CA CYS A 61 0.34 14.89 -0.43
C CYS A 61 -1.04 15.52 -0.69
N ARG A 62 -2.08 14.73 -0.65
CA ARG A 62 -3.45 15.28 -0.90
C ARG A 62 -4.02 15.88 0.39
N ALA A 63 -3.22 16.57 1.15
CA ALA A 63 -3.73 17.18 2.42
C ALA A 63 -2.74 18.22 2.95
N LYS A 1 -10.99 -8.35 -6.35
CA LYS A 1 -9.61 -8.69 -5.92
C LYS A 1 -8.58 -7.98 -6.81
N ILE A 2 -7.78 -7.12 -6.23
CA ILE A 2 -6.77 -6.38 -7.04
C ILE A 2 -5.38 -6.57 -6.42
N ASP A 3 -4.35 -6.34 -7.20
CA ASP A 3 -2.97 -6.50 -6.66
C ASP A 3 -2.07 -5.38 -7.19
N GLY A 4 -1.37 -4.71 -6.31
CA GLY A 4 -0.49 -3.59 -6.77
C GLY A 4 0.27 -3.01 -5.57
N TYR A 5 0.51 -1.73 -5.58
CA TYR A 5 1.25 -1.09 -4.45
C TYR A 5 0.39 0.01 -3.83
N PRO A 6 -0.28 -0.33 -2.76
CA PRO A 6 -1.16 0.65 -2.07
C PRO A 6 -0.32 1.72 -1.37
N VAL A 7 -0.61 2.96 -1.63
CA VAL A 7 0.16 4.07 -0.99
C VAL A 7 -0.43 4.41 0.39
N ASP A 8 0.00 5.48 0.99
CA ASP A 8 -0.52 5.87 2.32
C ASP A 8 -2.02 6.16 2.24
N TYR A 9 -2.54 6.90 3.18
CA TYR A 9 -4.00 7.22 3.16
C TYR A 9 -4.23 8.53 2.40
N TRP A 10 -3.23 9.34 2.27
CA TRP A 10 -3.39 10.64 1.55
C TRP A 10 -2.33 10.79 0.46
N ASN A 11 -1.70 9.72 0.07
CA ASN A 11 -0.64 9.80 -0.99
C ASN A 11 0.49 10.73 -0.54
N CYS A 12 0.52 11.09 0.71
CA CYS A 12 1.60 11.99 1.20
C CYS A 12 2.88 11.18 1.41
N LYS A 13 2.77 10.09 2.13
CA LYS A 13 3.98 9.24 2.37
C LYS A 13 4.24 8.37 1.14
N ARG A 14 5.47 8.00 0.92
CA ARG A 14 5.79 7.14 -0.26
C ARG A 14 4.79 5.99 -0.37
N ILE A 15 4.85 5.23 -1.43
CA ILE A 15 3.89 4.09 -1.58
C ILE A 15 4.26 2.98 -0.60
N CYS A 16 5.30 3.17 0.16
CA CYS A 16 5.72 2.14 1.16
C CYS A 16 6.33 2.83 2.39
N TRP A 17 6.28 2.18 3.52
CA TRP A 17 6.87 2.80 4.75
C TRP A 17 8.00 1.92 5.29
N TYR A 18 8.75 2.41 6.22
CA TYR A 18 9.87 1.59 6.78
C TYR A 18 9.32 0.58 7.78
N ASN A 19 9.00 -0.60 7.34
CA ASN A 19 8.44 -1.63 8.27
C ASN A 19 8.29 -2.97 7.57
N ASN A 20 8.55 -4.05 8.25
CA ASN A 20 8.40 -5.38 7.63
C ASN A 20 6.98 -5.91 7.85
N LYS A 21 6.11 -5.09 8.38
CA LYS A 21 4.71 -5.57 8.63
C LYS A 21 3.71 -4.40 8.65
N TYR A 22 4.12 -3.22 9.03
CA TYR A 22 3.16 -2.09 9.06
C TYR A 22 2.34 -2.03 7.76
N CYS A 23 2.84 -2.61 6.71
CA CYS A 23 2.09 -2.58 5.41
C CYS A 23 1.11 -3.76 5.35
N ASN A 24 1.48 -4.88 5.89
CA ASN A 24 0.56 -6.05 5.85
C ASN A 24 -0.62 -5.82 6.81
N ASP A 25 -0.34 -5.27 7.97
CA ASP A 25 -1.44 -5.01 8.94
C ASP A 25 -2.44 -4.02 8.36
N LEU A 26 -1.98 -3.09 7.57
CA LEU A 26 -2.89 -2.10 6.95
C LEU A 26 -3.52 -2.70 5.69
N CYS A 27 -2.72 -3.34 4.89
CA CYS A 27 -3.25 -3.97 3.65
C CYS A 27 -4.34 -4.98 4.00
N LYS A 28 -4.13 -5.74 5.05
CA LYS A 28 -5.16 -6.72 5.45
C LYS A 28 -6.43 -5.98 5.88
N GLY A 29 -6.26 -4.82 6.46
CA GLY A 29 -7.44 -4.03 6.88
C GLY A 29 -8.39 -3.89 5.70
N LEU A 30 -7.84 -3.73 4.51
CA LEU A 30 -8.71 -3.60 3.31
C LEU A 30 -9.18 -4.98 2.87
N LYS A 31 -8.32 -5.97 3.02
CA LYS A 31 -8.63 -7.40 2.66
C LYS A 31 -7.41 -8.05 1.99
N ALA A 32 -6.31 -7.34 1.89
CA ALA A 32 -5.10 -7.94 1.25
C ALA A 32 -4.27 -8.69 2.28
N ASP A 33 -4.24 -10.00 2.22
CA ASP A 33 -3.44 -10.78 3.21
C ASP A 33 -1.97 -10.75 2.83
N SER A 34 -1.66 -10.94 1.58
CA SER A 34 -0.23 -10.93 1.14
C SER A 34 0.24 -9.49 0.93
N GLY A 35 0.46 -8.77 1.99
CA GLY A 35 0.92 -7.36 1.84
C GLY A 35 2.30 -7.19 2.50
N TYR A 36 3.27 -6.79 1.74
CA TYR A 36 4.64 -6.60 2.31
C TYR A 36 5.32 -5.39 1.65
N CYS A 37 6.24 -4.77 2.33
CA CYS A 37 6.91 -3.58 1.73
C CYS A 37 8.36 -3.92 1.32
N TRP A 38 8.70 -3.65 0.08
CA TRP A 38 10.09 -3.95 -0.39
C TRP A 38 10.99 -2.74 -0.13
N GLY A 39 11.97 -2.87 0.73
CA GLY A 39 12.87 -1.73 1.04
C GLY A 39 13.92 -1.58 -0.06
N TRP A 40 13.54 -1.10 -1.21
CA TRP A 40 14.52 -0.91 -2.31
C TRP A 40 13.96 0.07 -3.33
N THR A 41 13.01 -0.35 -4.10
CA THR A 41 12.41 0.55 -5.13
C THR A 41 11.14 -0.08 -5.71
N LEU A 42 10.35 -0.72 -4.88
CA LEU A 42 9.11 -1.36 -5.38
C LEU A 42 7.91 -0.96 -4.51
N SER A 43 8.14 -0.12 -3.53
CA SER A 43 7.01 0.31 -2.65
C SER A 43 6.32 -0.91 -2.03
N CYS A 44 5.17 -0.72 -1.45
CA CYS A 44 4.46 -1.86 -0.82
C CYS A 44 3.77 -2.71 -1.89
N TYR A 45 3.61 -3.97 -1.64
CA TYR A 45 2.96 -4.85 -2.65
C TYR A 45 1.92 -5.77 -1.98
N CYS A 46 0.66 -5.45 -2.09
CA CYS A 46 -0.38 -6.31 -1.47
C CYS A 46 -1.31 -6.88 -2.55
N GLN A 47 -1.59 -8.15 -2.50
CA GLN A 47 -2.50 -8.76 -3.52
C GLN A 47 -3.73 -9.34 -2.84
N GLY A 48 -4.90 -9.10 -3.36
CA GLY A 48 -6.13 -9.64 -2.73
C GLY A 48 -6.87 -8.52 -2.01
N LEU A 49 -6.89 -7.34 -2.59
CA LEU A 49 -7.59 -6.20 -1.93
C LEU A 49 -8.79 -5.78 -2.78
N PRO A 50 -9.58 -4.89 -2.24
CA PRO A 50 -10.77 -4.39 -2.98
C PRO A 50 -10.35 -3.48 -4.14
N ASP A 51 -11.18 -3.35 -5.13
CA ASP A 51 -10.82 -2.48 -6.30
C ASP A 51 -10.61 -1.04 -5.83
N ASN A 52 -11.14 -0.70 -4.68
CA ASN A 52 -10.96 0.70 -4.17
C ASN A 52 -9.58 0.85 -3.52
N ALA A 53 -8.79 -0.19 -3.54
CA ALA A 53 -7.43 -0.11 -2.94
C ALA A 53 -6.59 0.93 -3.69
N ARG A 54 -6.45 2.12 -3.15
CA ARG A 54 -5.65 3.16 -3.85
C ARG A 54 -4.24 2.63 -4.14
N ILE A 55 -3.63 3.10 -5.20
CA ILE A 55 -2.27 2.62 -5.56
C ILE A 55 -1.42 3.80 -6.06
N LYS A 56 -0.14 3.61 -6.21
CA LYS A 56 0.73 4.71 -6.71
C LYS A 56 0.04 5.46 -7.84
N ARG A 57 -0.62 6.55 -7.54
CA ARG A 57 -1.31 7.32 -8.61
C ARG A 57 -0.84 8.78 -8.58
N SER A 58 0.15 9.08 -7.79
CA SER A 58 0.66 10.48 -7.72
C SER A 58 -0.46 11.44 -7.30
N GLY A 59 -0.10 12.60 -6.82
CA GLY A 59 -1.13 13.57 -6.39
C GLY A 59 -0.58 14.41 -5.23
N ARG A 60 -1.43 15.19 -4.59
CA ARG A 60 -0.95 16.02 -3.45
C ARG A 60 -1.34 15.37 -2.13
N CYS A 61 -0.67 15.71 -1.07
CA CYS A 61 -1.01 15.10 0.25
C CYS A 61 -2.47 15.36 0.59
N ARG A 62 -3.25 14.32 0.77
CA ARG A 62 -4.69 14.50 1.09
C ARG A 62 -4.85 14.72 2.60
N ALA A 63 -4.04 15.55 3.19
CA ALA A 63 -4.15 15.79 4.65
C ALA A 63 -3.48 17.11 5.03
N LYS A 1 -10.20 -8.21 -5.18
CA LYS A 1 -9.26 -9.13 -5.89
C LYS A 1 -8.36 -8.36 -6.84
N ILE A 2 -7.45 -7.57 -6.32
CA ILE A 2 -6.54 -6.79 -7.19
C ILE A 2 -5.13 -6.74 -6.58
N ASP A 3 -4.13 -6.44 -7.36
CA ASP A 3 -2.75 -6.38 -6.82
C ASP A 3 -2.10 -5.04 -7.17
N GLY A 4 -1.67 -4.30 -6.19
CA GLY A 4 -1.02 -2.98 -6.46
C GLY A 4 -0.28 -2.50 -5.21
N TYR A 5 0.08 -1.25 -5.16
CA TYR A 5 0.81 -0.73 -3.96
C TYR A 5 -0.01 0.35 -3.25
N PRO A 6 -0.55 -0.01 -2.12
CA PRO A 6 -1.36 0.94 -1.33
C PRO A 6 -0.48 1.96 -0.60
N VAL A 7 -0.78 3.21 -0.73
CA VAL A 7 0.04 4.25 -0.05
C VAL A 7 -0.73 4.81 1.15
N ASP A 8 -0.30 5.92 1.68
CA ASP A 8 -1.02 6.50 2.85
C ASP A 8 -2.46 6.84 2.45
N TYR A 9 -2.97 7.95 2.89
CA TYR A 9 -4.36 8.33 2.54
C TYR A 9 -4.36 9.52 1.57
N TRP A 10 -3.20 10.06 1.28
CA TRP A 10 -3.14 11.22 0.35
C TRP A 10 -1.88 11.13 -0.52
N ASN A 11 -1.18 10.01 -0.46
CA ASN A 11 0.05 9.83 -1.27
C ASN A 11 1.16 10.80 -0.80
N CYS A 12 0.90 11.57 0.22
CA CYS A 12 1.95 12.51 0.71
C CYS A 12 2.88 11.82 1.69
N LYS A 13 2.35 11.30 2.77
CA LYS A 13 3.20 10.61 3.77
C LYS A 13 4.24 9.73 3.08
N ARG A 14 3.83 8.66 2.47
CA ARG A 14 4.80 7.76 1.79
C ARG A 14 4.06 6.68 0.99
N ILE A 15 4.78 5.80 0.36
CA ILE A 15 4.12 4.72 -0.41
C ILE A 15 4.21 3.39 0.36
N CYS A 16 5.11 3.33 1.31
CA CYS A 16 5.26 2.08 2.13
C CYS A 16 5.93 2.39 3.47
N TRP A 17 6.02 1.41 4.33
CA TRP A 17 6.67 1.65 5.65
C TRP A 17 8.10 1.12 5.66
N TYR A 18 8.59 0.67 6.78
CA TYR A 18 9.98 0.14 6.84
C TYR A 18 9.96 -1.32 7.31
N ASN A 19 9.09 -1.65 8.21
CA ASN A 19 9.04 -3.07 8.71
C ASN A 19 8.22 -3.94 7.75
N ASN A 20 8.65 -5.15 7.52
CA ASN A 20 7.91 -6.05 6.59
C ASN A 20 6.57 -6.46 7.21
N LYS A 21 6.32 -6.08 8.44
CA LYS A 21 5.04 -6.45 9.10
C LYS A 21 4.13 -5.22 9.23
N TYR A 22 4.72 -4.06 9.39
CA TYR A 22 3.89 -2.83 9.54
C TYR A 22 3.08 -2.57 8.25
N CYS A 23 3.47 -3.17 7.16
CA CYS A 23 2.71 -2.95 5.90
C CYS A 23 1.60 -4.00 5.75
N ASN A 24 1.96 -5.26 5.82
CA ASN A 24 0.92 -6.32 5.70
C ASN A 24 -0.26 -6.03 6.62
N ASP A 25 0.01 -5.49 7.77
CA ASP A 25 -1.10 -5.18 8.72
C ASP A 25 -2.10 -4.22 8.06
N LEU A 26 -1.63 -3.12 7.55
CA LEU A 26 -2.55 -2.14 6.89
C LEU A 26 -3.14 -2.75 5.62
N CYS A 27 -2.32 -3.41 4.84
CA CYS A 27 -2.85 -4.03 3.59
C CYS A 27 -3.96 -5.02 3.94
N LYS A 28 -3.86 -5.67 5.06
CA LYS A 28 -4.92 -6.63 5.45
C LYS A 28 -6.23 -5.87 5.65
N GLY A 29 -6.15 -4.64 6.06
CA GLY A 29 -7.38 -3.83 6.25
C GLY A 29 -8.07 -3.71 4.89
N LEU A 30 -7.30 -3.67 3.85
CA LEU A 30 -7.87 -3.57 2.48
C LEU A 30 -8.10 -4.98 1.93
N LYS A 31 -8.19 -5.94 2.80
CA LYS A 31 -8.40 -7.36 2.36
C LYS A 31 -7.20 -7.87 1.57
N ALA A 32 -6.06 -7.25 1.71
CA ALA A 32 -4.87 -7.71 0.95
C ALA A 32 -4.08 -8.73 1.78
N ASP A 33 -4.39 -9.98 1.66
CA ASP A 33 -3.67 -11.03 2.45
C ASP A 33 -2.16 -10.86 2.31
N SER A 34 -1.59 -11.32 1.23
CA SER A 34 -0.12 -11.19 1.04
C SER A 34 0.25 -9.72 0.79
N GLY A 35 0.56 -8.98 1.83
CA GLY A 35 0.94 -7.56 1.64
C GLY A 35 2.23 -7.27 2.43
N TYR A 36 3.24 -6.78 1.76
CA TYR A 36 4.52 -6.48 2.48
C TYR A 36 5.16 -5.21 1.92
N CYS A 37 6.33 -4.87 2.39
CA CYS A 37 7.02 -3.64 1.88
C CYS A 37 8.32 -4.01 1.16
N TRP A 38 8.57 -3.41 0.03
CA TRP A 38 9.83 -3.72 -0.70
C TRP A 38 11.00 -2.97 -0.06
N GLY A 39 12.20 -3.50 -0.15
CA GLY A 39 13.36 -2.82 0.46
C GLY A 39 14.13 -2.04 -0.60
N TRP A 40 13.85 -2.30 -1.86
CA TRP A 40 14.56 -1.57 -2.94
C TRP A 40 13.87 -0.22 -3.20
N THR A 41 12.73 -0.25 -3.81
CA THR A 41 11.99 1.02 -4.09
C THR A 41 10.69 0.70 -4.81
N LEU A 42 9.91 -0.20 -4.27
CA LEU A 42 8.62 -0.56 -4.93
C LEU A 42 7.44 -0.31 -3.98
N SER A 43 7.63 0.53 -3.00
CA SER A 43 6.51 0.82 -2.05
C SER A 43 5.92 -0.49 -1.52
N CYS A 44 4.79 -0.42 -0.85
CA CYS A 44 4.16 -1.66 -0.32
C CYS A 44 3.47 -2.41 -1.44
N TYR A 45 3.65 -3.70 -1.52
CA TYR A 45 2.99 -4.48 -2.60
C TYR A 45 2.10 -5.56 -2.01
N CYS A 46 0.81 -5.40 -2.12
CA CYS A 46 -0.13 -6.42 -1.57
C CYS A 46 -1.08 -6.90 -2.66
N GLN A 47 -1.52 -8.13 -2.60
CA GLN A 47 -2.45 -8.64 -3.64
C GLN A 47 -3.66 -9.30 -2.99
N GLY A 48 -4.83 -9.06 -3.51
CA GLY A 48 -6.05 -9.68 -2.93
C GLY A 48 -6.93 -8.61 -2.29
N LEU A 49 -6.78 -7.39 -2.72
CA LEU A 49 -7.62 -6.29 -2.13
C LEU A 49 -8.79 -5.98 -3.06
N PRO A 50 -9.71 -5.18 -2.57
CA PRO A 50 -10.91 -4.81 -3.35
C PRO A 50 -10.51 -3.92 -4.54
N ASP A 51 -11.31 -3.92 -5.57
CA ASP A 51 -10.97 -3.08 -6.76
C ASP A 51 -10.81 -1.63 -6.36
N ASN A 52 -11.40 -1.23 -5.27
CA ASN A 52 -11.28 0.18 -4.82
C ASN A 52 -10.03 0.36 -3.95
N ALA A 53 -9.14 -0.60 -3.96
CA ALA A 53 -7.90 -0.48 -3.14
C ALA A 53 -7.07 0.71 -3.62
N ARG A 54 -6.90 1.69 -2.79
CA ARG A 54 -6.10 2.89 -3.19
C ARG A 54 -4.61 2.54 -3.25
N ILE A 55 -3.95 2.94 -4.30
CA ILE A 55 -2.49 2.64 -4.42
C ILE A 55 -1.78 3.83 -5.08
N LYS A 56 -0.55 3.63 -5.49
CA LYS A 56 0.22 4.73 -6.12
C LYS A 56 -0.66 5.54 -7.08
N ARG A 57 -1.28 6.58 -6.59
CA ARG A 57 -2.15 7.42 -7.47
C ARG A 57 -1.62 8.85 -7.49
N SER A 58 -0.36 9.00 -7.15
CA SER A 58 0.31 10.35 -7.11
C SER A 58 -0.59 11.46 -7.67
N GLY A 59 -0.84 12.47 -6.88
CA GLY A 59 -1.70 13.59 -7.36
C GLY A 59 -1.16 14.91 -6.80
N ARG A 60 -1.79 15.45 -5.80
CA ARG A 60 -1.30 16.74 -5.22
C ARG A 60 -1.25 16.65 -3.70
N CYS A 61 -0.66 15.60 -3.18
CA CYS A 61 -0.57 15.45 -1.70
C CYS A 61 -1.87 15.90 -1.04
N ARG A 62 -2.80 15.00 -0.84
CA ARG A 62 -4.09 15.40 -0.21
C ARG A 62 -3.94 15.48 1.31
N ALA A 63 -2.91 16.13 1.79
CA ALA A 63 -2.71 16.24 3.26
C ALA A 63 -1.49 17.11 3.57
N LYS A 1 -10.48 -8.19 -5.53
CA LYS A 1 -9.47 -9.11 -6.13
C LYS A 1 -8.50 -8.31 -7.02
N ILE A 2 -7.79 -7.37 -6.44
CA ILE A 2 -6.84 -6.57 -7.25
C ILE A 2 -5.44 -6.62 -6.62
N ASP A 3 -4.43 -6.26 -7.36
CA ASP A 3 -3.05 -6.30 -6.81
C ASP A 3 -2.30 -5.02 -7.20
N GLY A 4 -1.58 -4.43 -6.29
CA GLY A 4 -0.84 -3.18 -6.63
C GLY A 4 -0.06 -2.70 -5.42
N TYR A 5 0.31 -1.44 -5.40
CA TYR A 5 1.09 -0.90 -4.25
C TYR A 5 0.30 0.24 -3.59
N PRO A 6 -0.15 -0.01 -2.39
CA PRO A 6 -0.94 1.01 -1.64
C PRO A 6 -0.03 2.14 -1.15
N VAL A 7 -0.53 3.34 -1.14
CA VAL A 7 0.30 4.50 -0.67
C VAL A 7 -0.05 4.86 0.78
N ASP A 8 0.41 5.99 1.24
CA ASP A 8 0.12 6.40 2.65
C ASP A 8 -1.35 6.83 2.77
N TYR A 9 -1.60 8.00 3.31
CA TYR A 9 -3.00 8.45 3.45
C TYR A 9 -3.25 9.71 2.58
N TRP A 10 -2.26 10.54 2.44
CA TRP A 10 -2.44 11.77 1.61
C TRP A 10 -1.58 11.68 0.33
N ASN A 11 -1.07 10.52 0.03
CA ASN A 11 -0.22 10.35 -1.20
C ASN A 11 1.05 11.20 -1.09
N CYS A 12 1.27 11.83 0.04
CA CYS A 12 2.49 12.68 0.19
C CYS A 12 3.72 11.80 0.40
N LYS A 13 3.79 11.12 1.52
CA LYS A 13 4.96 10.25 1.80
C LYS A 13 5.12 9.19 0.71
N ARG A 14 6.18 8.44 0.76
CA ARG A 14 6.40 7.38 -0.27
C ARG A 14 5.15 6.51 -0.41
N ILE A 15 5.20 5.52 -1.26
CA ILE A 15 4.01 4.64 -1.43
C ILE A 15 4.18 3.38 -0.57
N CYS A 16 4.92 3.50 0.50
CA CYS A 16 5.11 2.32 1.41
C CYS A 16 5.38 2.79 2.84
N TRP A 17 5.17 1.95 3.81
CA TRP A 17 5.41 2.37 5.23
C TRP A 17 6.89 2.16 5.60
N TYR A 18 7.17 1.93 6.85
CA TYR A 18 8.59 1.73 7.27
C TYR A 18 8.75 0.36 7.92
N ASN A 19 8.19 -0.66 7.33
CA ASN A 19 8.32 -2.03 7.92
C ASN A 19 7.65 -3.06 7.02
N ASN A 20 8.02 -4.31 7.14
CA ASN A 20 7.40 -5.37 6.30
C ASN A 20 6.06 -5.83 6.91
N LYS A 21 5.76 -5.36 8.09
CA LYS A 21 4.47 -5.76 8.74
C LYS A 21 3.52 -4.57 8.79
N TYR A 22 4.04 -3.38 8.89
CA TYR A 22 3.17 -2.18 8.94
C TYR A 22 2.23 -2.15 7.73
N CYS A 23 2.68 -2.68 6.61
CA CYS A 23 1.81 -2.68 5.39
C CYS A 23 0.98 -3.96 5.33
N ASN A 24 1.51 -5.05 5.80
CA ASN A 24 0.74 -6.33 5.76
C ASN A 24 -0.42 -6.29 6.76
N ASP A 25 -0.18 -5.80 7.95
CA ASP A 25 -1.27 -5.74 8.96
C ASP A 25 -2.46 -4.93 8.41
N LEU A 26 -2.20 -3.80 7.81
CA LEU A 26 -3.31 -2.98 7.27
C LEU A 26 -3.80 -3.56 5.94
N CYS A 27 -2.91 -4.02 5.11
CA CYS A 27 -3.34 -4.60 3.80
C CYS A 27 -4.31 -5.76 4.06
N LYS A 28 -4.05 -6.52 5.09
CA LYS A 28 -4.96 -7.67 5.39
C LYS A 28 -6.34 -7.14 5.74
N GLY A 29 -6.42 -5.94 6.26
CA GLY A 29 -7.75 -5.36 6.58
C GLY A 29 -8.55 -5.26 5.28
N LEU A 30 -7.87 -4.98 4.20
CA LEU A 30 -8.57 -4.87 2.89
C LEU A 30 -8.59 -6.25 2.23
N LYS A 31 -8.37 -7.27 3.00
CA LYS A 31 -8.38 -8.67 2.44
C LYS A 31 -7.13 -8.93 1.59
N ALA A 32 -6.12 -8.09 1.68
CA ALA A 32 -4.90 -8.33 0.87
C ALA A 32 -3.98 -9.30 1.61
N ASP A 33 -4.25 -10.58 1.51
CA ASP A 33 -3.39 -11.58 2.23
C ASP A 33 -1.92 -11.21 2.13
N SER A 34 -1.28 -11.49 1.02
CA SER A 34 0.16 -11.17 0.87
C SER A 34 0.35 -9.65 0.77
N GLY A 35 0.54 -8.98 1.88
CA GLY A 35 0.73 -7.50 1.84
C GLY A 35 2.07 -7.14 2.48
N TYR A 36 3.13 -7.12 1.71
CA TYR A 36 4.46 -6.77 2.29
C TYR A 36 4.99 -5.50 1.63
N CYS A 37 5.83 -4.77 2.32
CA CYS A 37 6.38 -3.51 1.73
C CYS A 37 7.85 -3.70 1.34
N TRP A 38 8.22 -3.26 0.17
CA TRP A 38 9.64 -3.40 -0.27
C TRP A 38 10.48 -2.24 0.29
N GLY A 39 11.54 -2.55 0.98
CA GLY A 39 12.38 -1.47 1.56
C GLY A 39 13.45 -1.06 0.54
N TRP A 40 13.04 -0.52 -0.58
CA TRP A 40 14.03 -0.10 -1.61
C TRP A 40 13.42 0.99 -2.49
N THR A 41 12.62 0.61 -3.44
CA THR A 41 11.98 1.62 -4.33
C THR A 41 10.78 0.98 -5.06
N LEU A 42 10.10 0.08 -4.41
CA LEU A 42 8.92 -0.58 -5.07
C LEU A 42 7.64 -0.27 -4.29
N SER A 43 7.72 0.55 -3.29
CA SER A 43 6.51 0.89 -2.49
C SER A 43 5.91 -0.38 -1.88
N CYS A 44 4.73 -0.27 -1.31
CA CYS A 44 4.09 -1.46 -0.68
C CYS A 44 3.54 -2.38 -1.76
N TYR A 45 3.37 -3.65 -1.47
CA TYR A 45 2.83 -4.57 -2.51
C TYR A 45 1.85 -5.58 -1.87
N CYS A 46 0.58 -5.34 -2.00
CA CYS A 46 -0.42 -6.29 -1.43
C CYS A 46 -1.32 -6.82 -2.55
N GLN A 47 -1.64 -8.08 -2.53
CA GLN A 47 -2.50 -8.65 -3.59
C GLN A 47 -3.71 -9.36 -2.97
N GLY A 48 -4.87 -9.21 -3.54
CA GLY A 48 -6.08 -9.86 -2.97
C GLY A 48 -6.92 -8.82 -2.25
N LEU A 49 -6.90 -7.61 -2.71
CA LEU A 49 -7.71 -6.53 -2.05
C LEU A 49 -8.88 -6.13 -2.95
N PRO A 50 -9.75 -5.31 -2.43
CA PRO A 50 -10.92 -4.85 -3.22
C PRO A 50 -10.48 -3.95 -4.37
N ASP A 51 -11.33 -3.76 -5.35
CA ASP A 51 -10.96 -2.90 -6.51
C ASP A 51 -10.77 -1.45 -6.04
N ASN A 52 -11.30 -1.11 -4.90
CA ASN A 52 -11.15 0.28 -4.39
C ASN A 52 -9.93 0.37 -3.47
N ALA A 53 -9.08 -0.62 -3.52
CA ALA A 53 -7.86 -0.60 -2.64
C ALA A 53 -6.98 0.60 -3.00
N ARG A 54 -6.39 1.22 -2.00
CA ARG A 54 -5.51 2.40 -2.29
C ARG A 54 -4.28 1.94 -3.07
N ILE A 55 -3.85 2.71 -4.04
CA ILE A 55 -2.65 2.29 -4.83
C ILE A 55 -1.74 3.50 -5.11
N LYS A 56 -0.67 3.28 -5.83
CA LYS A 56 0.27 4.39 -6.15
C LYS A 56 -0.45 5.51 -6.92
N ARG A 57 -1.20 6.32 -6.24
CA ARG A 57 -1.90 7.44 -6.93
C ARG A 57 -1.22 8.77 -6.58
N SER A 58 -0.02 8.69 -6.08
CA SER A 58 0.73 9.92 -5.70
C SER A 58 0.49 11.02 -6.72
N GLY A 59 0.26 12.23 -6.27
CA GLY A 59 0.02 13.35 -7.21
C GLY A 59 -0.73 14.47 -6.50
N ARG A 60 -1.60 14.13 -5.58
CA ARG A 60 -2.37 15.17 -4.84
C ARG A 60 -2.00 15.16 -3.36
N CYS A 61 -0.79 15.56 -3.04
CA CYS A 61 -0.38 15.58 -1.61
C CYS A 61 -1.50 16.13 -0.74
N ARG A 62 -2.24 15.27 -0.09
CA ARG A 62 -3.36 15.75 0.79
C ARG A 62 -2.83 16.14 2.16
N ALA A 63 -1.75 16.88 2.21
CA ALA A 63 -1.18 17.28 3.52
C ALA A 63 -0.06 18.31 3.32
N LYS A 1 -11.11 -8.62 -6.21
CA LYS A 1 -9.73 -9.17 -5.99
C LYS A 1 -8.73 -8.49 -6.93
N ILE A 2 -7.83 -7.74 -6.38
CA ILE A 2 -6.83 -7.04 -7.24
C ILE A 2 -5.45 -7.08 -6.58
N ASP A 3 -4.41 -6.93 -7.36
CA ASP A 3 -3.03 -6.96 -6.79
C ASP A 3 -2.28 -5.69 -7.19
N GLY A 4 -1.71 -5.00 -6.24
CA GLY A 4 -0.97 -3.76 -6.58
C GLY A 4 -0.28 -3.19 -5.33
N TYR A 5 0.07 -1.94 -5.36
CA TYR A 5 0.73 -1.33 -4.17
C TYR A 5 -0.01 -0.07 -3.73
N PRO A 6 -0.82 -0.22 -2.71
CA PRO A 6 -1.59 0.93 -2.18
C PRO A 6 -0.67 1.93 -1.48
N VAL A 7 -0.71 3.17 -1.89
CA VAL A 7 0.17 4.20 -1.26
C VAL A 7 -0.43 4.66 0.07
N ASP A 8 0.27 5.49 0.78
CA ASP A 8 -0.25 5.98 2.09
C ASP A 8 -1.67 6.52 1.93
N TYR A 9 -2.35 6.76 3.01
CA TYR A 9 -3.75 7.29 2.92
C TYR A 9 -3.73 8.70 2.33
N TRP A 10 -2.58 9.29 2.18
CA TRP A 10 -2.51 10.66 1.62
C TRP A 10 -1.34 10.78 0.64
N ASN A 11 -0.74 9.67 0.28
CA ASN A 11 0.41 9.73 -0.66
C ASN A 11 1.49 10.66 -0.09
N CYS A 12 1.44 10.92 1.18
CA CYS A 12 2.45 11.82 1.81
C CYS A 12 3.74 11.06 2.11
N LYS A 13 3.64 9.85 2.55
CA LYS A 13 4.86 9.07 2.88
C LYS A 13 5.31 8.23 1.67
N ARG A 14 5.48 8.86 0.53
CA ARG A 14 5.92 8.11 -0.67
C ARG A 14 4.88 7.06 -1.06
N ILE A 15 5.31 5.92 -1.53
CA ILE A 15 4.33 4.86 -1.92
C ILE A 15 4.39 3.69 -0.93
N CYS A 16 5.18 3.81 0.10
CA CYS A 16 5.26 2.71 1.10
C CYS A 16 5.62 3.29 2.47
N TRP A 17 5.85 2.44 3.44
CA TRP A 17 6.19 2.96 4.80
C TRP A 17 7.59 2.49 5.20
N TYR A 18 7.99 2.71 6.43
CA TYR A 18 9.34 2.28 6.87
C TYR A 18 9.27 0.87 7.46
N ASN A 19 8.21 0.56 8.16
CA ASN A 19 8.10 -0.80 8.76
C ASN A 19 7.67 -1.82 7.70
N ASN A 20 8.09 -3.04 7.84
CA ASN A 20 7.71 -4.08 6.83
C ASN A 20 6.38 -4.74 7.24
N LYS A 21 5.99 -4.59 8.48
CA LYS A 21 4.72 -5.20 8.93
C LYS A 21 3.57 -4.20 8.85
N TYR A 22 3.88 -2.94 8.68
CA TYR A 22 2.80 -1.92 8.58
C TYR A 22 2.08 -2.03 7.24
N CYS A 23 2.82 -2.28 6.19
CA CYS A 23 2.19 -2.41 4.84
C CYS A 23 1.24 -3.63 4.84
N ASN A 24 1.61 -4.66 5.55
CA ASN A 24 0.74 -5.88 5.60
C ASN A 24 -0.46 -5.63 6.54
N ASP A 25 -0.19 -5.20 7.75
CA ASP A 25 -1.30 -4.94 8.70
C ASP A 25 -2.36 -4.04 8.05
N LEU A 26 -1.94 -2.96 7.47
CA LEU A 26 -2.93 -2.04 6.82
C LEU A 26 -3.50 -2.68 5.55
N CYS A 27 -2.68 -3.39 4.81
CA CYS A 27 -3.19 -4.03 3.57
C CYS A 27 -4.28 -5.05 3.93
N LYS A 28 -4.09 -5.76 5.01
CA LYS A 28 -5.13 -6.76 5.42
C LYS A 28 -6.44 -6.02 5.70
N GLY A 29 -6.37 -4.77 6.08
CA GLY A 29 -7.62 -4.01 6.33
C GLY A 29 -8.37 -3.94 5.00
N LEU A 30 -7.65 -3.89 3.92
CA LEU A 30 -8.30 -3.85 2.59
C LEU A 30 -8.46 -5.29 2.08
N LYS A 31 -8.47 -6.24 2.98
CA LYS A 31 -8.62 -7.67 2.58
C LYS A 31 -7.37 -8.18 1.87
N ALA A 32 -6.30 -7.42 1.87
CA ALA A 32 -5.07 -7.89 1.19
C ALA A 32 -4.23 -8.73 2.17
N ASP A 33 -4.25 -10.03 2.02
CA ASP A 33 -3.46 -10.88 2.95
C ASP A 33 -1.97 -10.68 2.75
N SER A 34 -1.43 -11.23 1.70
CA SER A 34 0.04 -11.08 1.44
C SER A 34 0.38 -9.62 1.12
N GLY A 35 0.77 -8.86 2.11
CA GLY A 35 1.12 -7.43 1.87
C GLY A 35 2.44 -7.10 2.57
N TYR A 36 3.39 -6.58 1.83
CA TYR A 36 4.70 -6.23 2.45
C TYR A 36 5.28 -4.97 1.80
N CYS A 37 6.07 -4.21 2.53
CA CYS A 37 6.66 -2.97 1.95
C CYS A 37 8.08 -3.22 1.46
N TRP A 38 8.39 -2.77 0.27
CA TRP A 38 9.77 -2.98 -0.26
C TRP A 38 10.62 -1.72 -0.04
N GLY A 39 11.85 -1.89 0.35
CA GLY A 39 12.71 -0.70 0.61
C GLY A 39 13.43 -0.30 -0.68
N TRP A 40 13.07 -0.88 -1.79
CA TRP A 40 13.73 -0.52 -3.07
C TRP A 40 12.86 0.46 -3.86
N THR A 41 11.82 -0.03 -4.47
CA THR A 41 10.92 0.85 -5.25
C THR A 41 9.65 0.09 -5.65
N LEU A 42 9.22 -0.82 -4.83
CA LEU A 42 8.00 -1.60 -5.15
C LEU A 42 6.84 -1.15 -4.26
N SER A 43 6.99 -0.03 -3.59
CA SER A 43 5.88 0.44 -2.71
C SER A 43 5.38 -0.70 -1.82
N CYS A 44 4.29 -0.50 -1.15
CA CYS A 44 3.73 -1.57 -0.28
C CYS A 44 2.95 -2.55 -1.16
N TYR A 45 3.56 -3.64 -1.55
CA TYR A 45 2.85 -4.61 -2.43
C TYR A 45 1.90 -5.51 -1.64
N CYS A 46 0.68 -5.62 -2.09
CA CYS A 46 -0.29 -6.50 -1.37
C CYS A 46 -1.22 -7.15 -2.39
N GLN A 47 -1.65 -8.36 -2.13
CA GLN A 47 -2.55 -9.05 -3.12
C GLN A 47 -3.80 -9.56 -2.40
N GLY A 48 -4.94 -9.48 -3.05
CA GLY A 48 -6.19 -9.97 -2.41
C GLY A 48 -7.00 -8.80 -1.87
N LEU A 49 -6.92 -7.66 -2.51
CA LEU A 49 -7.71 -6.49 -2.03
C LEU A 49 -8.85 -6.19 -3.01
N PRO A 50 -9.72 -5.30 -2.63
CA PRO A 50 -10.87 -4.93 -3.50
C PRO A 50 -10.39 -4.17 -4.74
N ASP A 51 -11.19 -4.14 -5.77
CA ASP A 51 -10.78 -3.40 -7.00
C ASP A 51 -10.58 -1.93 -6.69
N ASN A 52 -11.23 -1.45 -5.65
CA ASN A 52 -11.06 -0.02 -5.28
C ASN A 52 -9.87 0.16 -4.35
N ALA A 53 -9.09 -0.88 -4.19
CA ALA A 53 -7.89 -0.78 -3.29
C ALA A 53 -6.96 0.33 -3.77
N ARG A 54 -6.62 1.25 -2.92
CA ARG A 54 -5.70 2.36 -3.32
C ARG A 54 -4.42 1.78 -3.94
N ILE A 55 -3.81 2.50 -4.85
CA ILE A 55 -2.55 2.01 -5.48
C ILE A 55 -1.64 3.20 -5.82
N LYS A 56 -0.45 2.92 -6.28
CA LYS A 56 0.47 4.03 -6.65
C LYS A 56 -0.26 5.10 -7.47
N ARG A 57 -0.75 6.12 -6.82
CA ARG A 57 -1.49 7.19 -7.57
C ARG A 57 -0.74 8.52 -7.46
N SER A 58 0.20 8.61 -6.56
CA SER A 58 0.96 9.89 -6.39
C SER A 58 -0.02 11.06 -6.28
N GLY A 59 0.49 12.26 -6.30
CA GLY A 59 -0.40 13.46 -6.19
C GLY A 59 0.17 14.43 -5.16
N ARG A 60 -0.64 14.86 -4.23
CA ARG A 60 -0.16 15.81 -3.20
C ARG A 60 -0.45 15.27 -1.79
N CYS A 61 0.47 15.40 -0.89
CA CYS A 61 0.25 14.89 0.50
C CYS A 61 -1.16 15.27 0.98
N ARG A 62 -2.02 14.31 1.17
CA ARG A 62 -3.40 14.60 1.63
C ARG A 62 -3.45 14.70 3.16
N ALA A 63 -2.41 15.20 3.76
CA ALA A 63 -2.39 15.31 5.25
C ALA A 63 -1.26 16.23 5.70
N LYS A 1 -10.26 -9.13 -5.48
CA LYS A 1 -9.03 -9.95 -5.70
C LYS A 1 -8.08 -9.24 -6.66
N ILE A 2 -7.51 -8.14 -6.24
CA ILE A 2 -6.56 -7.40 -7.13
C ILE A 2 -5.18 -7.31 -6.49
N ASP A 3 -4.19 -6.99 -7.26
CA ASP A 3 -2.81 -6.87 -6.72
C ASP A 3 -2.23 -5.49 -7.06
N GLY A 4 -1.94 -4.69 -6.06
CA GLY A 4 -1.39 -3.34 -6.36
C GLY A 4 -0.54 -2.85 -5.18
N TYR A 5 -0.22 -1.58 -5.15
CA TYR A 5 0.61 -1.05 -4.03
C TYR A 5 -0.11 0.12 -3.33
N PRO A 6 -0.75 -0.20 -2.24
CA PRO A 6 -1.48 0.85 -1.46
C PRO A 6 -0.49 1.80 -0.78
N VAL A 7 -0.68 3.08 -0.93
CA VAL A 7 0.25 4.06 -0.28
C VAL A 7 -0.12 4.24 1.19
N ASP A 8 0.35 5.30 1.80
CA ASP A 8 0.06 5.54 3.23
C ASP A 8 -1.38 6.01 3.41
N TYR A 9 -1.60 7.30 3.35
CA TYR A 9 -2.99 7.83 3.52
C TYR A 9 -3.22 9.00 2.56
N TRP A 10 -2.53 10.09 2.78
CA TRP A 10 -2.71 11.27 1.89
C TRP A 10 -1.72 11.20 0.72
N ASN A 11 -1.05 10.08 0.58
CA ASN A 11 -0.07 9.91 -0.53
C ASN A 11 1.12 10.85 -0.32
N CYS A 12 1.18 11.55 0.78
CA CYS A 12 2.31 12.48 1.02
C CYS A 12 3.56 11.67 1.35
N LYS A 13 3.41 10.61 2.07
CA LYS A 13 4.59 9.77 2.42
C LYS A 13 4.83 8.75 1.30
N ARG A 14 6.06 8.32 1.13
CA ARG A 14 6.37 7.35 0.04
C ARG A 14 5.24 6.30 -0.10
N ILE A 15 5.18 5.65 -1.22
CA ILE A 15 4.11 4.63 -1.44
C ILE A 15 4.37 3.38 -0.56
N CYS A 16 5.42 3.39 0.21
CA CYS A 16 5.72 2.24 1.10
C CYS A 16 6.26 2.75 2.44
N TRP A 17 5.61 2.41 3.52
CA TRP A 17 6.10 2.89 4.84
C TRP A 17 7.51 2.36 5.11
N TYR A 18 7.78 1.91 6.31
CA TYR A 18 9.14 1.40 6.61
C TYR A 18 9.06 0.18 7.54
N ASN A 19 8.01 -0.58 7.45
CA ASN A 19 7.88 -1.78 8.33
C ASN A 19 7.21 -2.93 7.56
N ASN A 20 7.75 -4.11 7.67
CA ASN A 20 7.14 -5.27 6.95
C ASN A 20 5.79 -5.63 7.57
N LYS A 21 5.44 -5.01 8.66
CA LYS A 21 4.13 -5.32 9.30
C LYS A 21 3.15 -4.17 9.08
N TYR A 22 3.64 -2.99 8.80
CA TYR A 22 2.72 -1.85 8.57
C TYR A 22 2.03 -2.01 7.22
N CYS A 23 2.80 -2.13 6.16
CA CYS A 23 2.20 -2.31 4.82
C CYS A 23 1.26 -3.53 4.83
N ASN A 24 1.56 -4.50 5.64
CA ASN A 24 0.69 -5.71 5.69
C ASN A 24 -0.53 -5.43 6.57
N ASP A 25 -0.36 -4.68 7.63
CA ASP A 25 -1.51 -4.38 8.53
C ASP A 25 -2.56 -3.57 7.76
N LEU A 26 -2.13 -2.53 7.09
CA LEU A 26 -3.09 -1.69 6.32
C LEU A 26 -3.59 -2.47 5.09
N CYS A 27 -2.72 -3.19 4.45
CA CYS A 27 -3.13 -3.97 3.25
C CYS A 27 -4.16 -5.03 3.67
N LYS A 28 -3.96 -5.67 4.79
CA LYS A 28 -4.94 -6.69 5.23
C LYS A 28 -6.29 -6.01 5.51
N GLY A 29 -6.27 -4.75 5.80
CA GLY A 29 -7.55 -4.03 6.05
C GLY A 29 -8.40 -4.15 4.78
N LEU A 30 -7.76 -4.09 3.64
CA LEU A 30 -8.50 -4.22 2.36
C LEU A 30 -8.48 -5.68 1.91
N LYS A 31 -8.22 -6.57 2.83
CA LYS A 31 -8.19 -8.03 2.51
C LYS A 31 -6.97 -8.39 1.65
N ALA A 32 -5.99 -7.52 1.57
CA ALA A 32 -4.79 -7.86 0.76
C ALA A 32 -3.90 -8.81 1.54
N ASP A 33 -4.17 -10.09 1.45
CA ASP A 33 -3.37 -11.09 2.20
C ASP A 33 -1.88 -10.74 2.21
N SER A 34 -1.14 -11.21 1.25
CA SER A 34 0.33 -10.91 1.21
C SER A 34 0.58 -9.43 0.95
N GLY A 35 0.72 -8.66 2.00
CA GLY A 35 0.98 -7.20 1.83
C GLY A 35 2.30 -6.85 2.55
N TYR A 36 3.33 -6.57 1.81
CA TYR A 36 4.63 -6.23 2.47
C TYR A 36 5.28 -5.02 1.79
N CYS A 37 6.26 -4.43 2.42
CA CYS A 37 6.94 -3.25 1.82
C CYS A 37 8.33 -3.65 1.32
N TRP A 38 8.65 -3.34 0.10
CA TRP A 38 10.00 -3.70 -0.41
C TRP A 38 11.04 -2.69 0.07
N GLY A 39 12.31 -3.01 -0.06
CA GLY A 39 13.36 -2.07 0.42
C GLY A 39 13.90 -1.23 -0.75
N TRP A 40 13.84 -1.75 -1.95
CA TRP A 40 14.36 -0.96 -3.10
C TRP A 40 13.33 0.08 -3.54
N THR A 41 12.47 -0.25 -4.46
CA THR A 41 11.45 0.72 -4.92
C THR A 41 10.18 0.00 -5.38
N LEU A 42 9.85 -1.09 -4.75
CA LEU A 42 8.63 -1.84 -5.15
C LEU A 42 7.41 -1.32 -4.39
N SER A 43 7.61 -0.34 -3.53
CA SER A 43 6.46 0.20 -2.75
C SER A 43 5.84 -0.90 -1.89
N CYS A 44 4.78 -0.59 -1.20
CA CYS A 44 4.13 -1.63 -0.35
C CYS A 44 3.26 -2.52 -1.25
N TYR A 45 3.79 -3.63 -1.70
CA TYR A 45 2.98 -4.51 -2.59
C TYR A 45 2.01 -5.37 -1.79
N CYS A 46 0.81 -5.52 -2.26
CA CYS A 46 -0.18 -6.36 -1.52
C CYS A 46 -1.15 -7.02 -2.51
N GLN A 47 -1.56 -8.22 -2.21
CA GLN A 47 -2.51 -8.92 -3.14
C GLN A 47 -3.73 -9.40 -2.35
N GLY A 48 -4.87 -9.46 -2.98
CA GLY A 48 -6.10 -9.92 -2.28
C GLY A 48 -6.94 -8.71 -1.86
N LEU A 49 -6.74 -7.60 -2.51
CA LEU A 49 -7.55 -6.38 -2.14
C LEU A 49 -8.68 -6.19 -3.15
N PRO A 50 -9.57 -5.30 -2.82
CA PRO A 50 -10.73 -5.02 -3.72
C PRO A 50 -10.26 -4.27 -4.97
N ASP A 51 -11.03 -4.32 -6.01
CA ASP A 51 -10.63 -3.59 -7.26
C ASP A 51 -10.50 -2.10 -6.97
N ASN A 52 -11.18 -1.63 -5.95
CA ASN A 52 -11.09 -0.18 -5.61
C ASN A 52 -9.99 0.04 -4.57
N ALA A 53 -9.11 -0.92 -4.43
CA ALA A 53 -8.02 -0.78 -3.42
C ALA A 53 -7.35 0.60 -3.57
N ARG A 54 -6.96 1.19 -2.47
CA ARG A 54 -6.31 2.54 -2.54
C ARG A 54 -4.81 2.39 -2.81
N ILE A 55 -4.42 2.41 -4.06
CA ILE A 55 -2.97 2.28 -4.40
C ILE A 55 -2.62 3.23 -5.56
N LYS A 56 -1.35 3.43 -5.80
CA LYS A 56 -0.95 4.35 -6.91
C LYS A 56 -1.80 5.62 -6.86
N ARG A 57 -1.62 6.42 -5.84
CA ARG A 57 -2.42 7.67 -5.73
C ARG A 57 -1.50 8.88 -5.57
N SER A 58 -0.24 8.73 -5.90
CA SER A 58 0.71 9.88 -5.77
C SER A 58 0.05 11.16 -6.27
N GLY A 59 0.25 12.25 -5.59
CA GLY A 59 -0.38 13.53 -6.03
C GLY A 59 0.30 14.71 -5.33
N ARG A 60 -0.46 15.57 -4.72
CA ARG A 60 0.13 16.74 -4.02
C ARG A 60 -0.16 16.67 -2.52
N CYS A 61 0.04 15.53 -1.93
CA CYS A 61 -0.23 15.37 -0.46
C CYS A 61 -1.67 15.77 -0.12
N ARG A 62 -2.42 14.87 0.43
CA ARG A 62 -3.84 15.20 0.78
C ARG A 62 -3.90 15.82 2.19
N ALA A 63 -2.94 16.65 2.52
CA ALA A 63 -2.95 17.28 3.87
C ALA A 63 -2.24 18.63 3.83
N LYS A 1 -10.23 -9.00 -5.16
CA LYS A 1 -9.12 -9.81 -5.73
C LYS A 1 -8.28 -8.95 -6.67
N ILE A 2 -7.71 -7.88 -6.17
CA ILE A 2 -6.88 -7.00 -7.06
C ILE A 2 -5.45 -6.95 -6.54
N ASP A 3 -4.53 -6.53 -7.37
CA ASP A 3 -3.10 -6.45 -6.94
C ASP A 3 -2.52 -5.09 -7.32
N GLY A 4 -1.87 -4.43 -6.40
CA GLY A 4 -1.28 -3.10 -6.72
C GLY A 4 -0.36 -2.64 -5.58
N TYR A 5 0.17 -1.45 -5.68
CA TYR A 5 1.07 -0.94 -4.61
C TYR A 5 0.35 0.13 -3.79
N PRO A 6 -0.11 -0.28 -2.64
CA PRO A 6 -0.84 0.66 -1.74
C PRO A 6 0.13 1.68 -1.13
N VAL A 7 -0.29 2.90 -1.01
CA VAL A 7 0.62 3.94 -0.43
C VAL A 7 0.11 4.35 0.95
N ASP A 8 0.68 5.38 1.52
CA ASP A 8 0.25 5.84 2.87
C ASP A 8 -1.20 6.33 2.83
N TYR A 9 -1.51 7.34 3.61
CA TYR A 9 -2.91 7.85 3.62
C TYR A 9 -3.12 8.89 2.52
N TRP A 10 -2.22 9.82 2.38
CA TRP A 10 -2.38 10.86 1.33
C TRP A 10 -1.18 10.84 0.37
N ASN A 11 -0.48 9.74 0.31
CA ASN A 11 0.69 9.65 -0.61
C ASN A 11 1.70 10.76 -0.28
N CYS A 12 1.57 11.37 0.86
CA CYS A 12 2.52 12.47 1.24
C CYS A 12 3.78 11.88 1.87
N LYS A 13 3.62 11.06 2.87
CA LYS A 13 4.82 10.47 3.54
C LYS A 13 5.61 9.61 2.54
N ARG A 14 4.96 8.70 1.87
CA ARG A 14 5.68 7.85 0.88
C ARG A 14 4.74 6.80 0.28
N ILE A 15 5.27 5.75 -0.24
CA ILE A 15 4.41 4.68 -0.84
C ILE A 15 4.63 3.36 -0.11
N CYS A 16 5.72 3.27 0.61
CA CYS A 16 6.01 2.02 1.38
C CYS A 16 6.42 2.37 2.81
N TRP A 17 5.60 2.02 3.77
CA TRP A 17 5.95 2.33 5.19
C TRP A 17 7.38 1.84 5.50
N TYR A 18 7.95 2.32 6.57
CA TYR A 18 9.34 1.88 6.92
C TYR A 18 9.28 0.51 7.60
N ASN A 19 8.18 0.17 8.20
CA ASN A 19 8.06 -1.16 8.88
C ASN A 19 7.69 -2.24 7.87
N ASN A 20 8.18 -3.43 8.04
CA ASN A 20 7.85 -4.52 7.08
C ASN A 20 6.47 -5.11 7.40
N LYS A 21 5.75 -4.50 8.30
CA LYS A 21 4.39 -5.03 8.65
C LYS A 21 3.34 -3.92 8.65
N TYR A 22 3.76 -2.68 8.72
CA TYR A 22 2.78 -1.56 8.72
C TYR A 22 1.96 -1.58 7.42
N CYS A 23 2.39 -2.32 6.44
CA CYS A 23 1.63 -2.37 5.16
C CYS A 23 0.85 -3.68 5.07
N ASN A 24 1.34 -4.73 5.66
CA ASN A 24 0.62 -6.03 5.62
C ASN A 24 -0.62 -5.96 6.52
N ASP A 25 -0.44 -5.58 7.75
CA ASP A 25 -1.62 -5.49 8.68
C ASP A 25 -2.69 -4.59 8.06
N LEU A 26 -2.30 -3.49 7.48
CA LEU A 26 -3.29 -2.58 6.86
C LEU A 26 -3.83 -3.21 5.56
N CYS A 27 -2.96 -3.80 4.79
CA CYS A 27 -3.42 -4.44 3.52
C CYS A 27 -4.43 -5.54 3.83
N LYS A 28 -4.19 -6.29 4.88
CA LYS A 28 -5.15 -7.37 5.25
C LYS A 28 -6.51 -6.77 5.56
N GLY A 29 -6.52 -5.56 6.07
CA GLY A 29 -7.83 -4.91 6.38
C GLY A 29 -8.64 -4.82 5.11
N LEU A 30 -7.98 -4.62 4.00
CA LEU A 30 -8.69 -4.53 2.69
C LEU A 30 -8.74 -5.91 2.03
N LYS A 31 -8.54 -6.95 2.80
CA LYS A 31 -8.57 -8.34 2.26
C LYS A 31 -7.29 -8.66 1.47
N ALA A 32 -6.28 -7.85 1.58
CA ALA A 32 -5.02 -8.13 0.84
C ALA A 32 -4.11 -9.02 1.69
N ASP A 33 -4.35 -10.30 1.67
CA ASP A 33 -3.52 -11.25 2.47
C ASP A 33 -2.04 -10.95 2.31
N SER A 34 -1.47 -11.31 1.19
CA SER A 34 -0.01 -11.07 0.96
C SER A 34 0.27 -9.57 0.81
N GLY A 35 0.56 -8.89 1.89
CA GLY A 35 0.87 -7.44 1.78
C GLY A 35 2.25 -7.19 2.36
N TYR A 36 3.19 -6.78 1.54
CA TYR A 36 4.57 -6.52 2.06
C TYR A 36 5.10 -5.19 1.53
N CYS A 37 6.01 -4.59 2.25
CA CYS A 37 6.58 -3.29 1.80
C CYS A 37 8.01 -3.49 1.30
N TRP A 38 8.26 -3.20 0.05
CA TRP A 38 9.64 -3.38 -0.48
C TRP A 38 10.48 -2.12 -0.21
N GLY A 39 11.29 -2.14 0.82
CA GLY A 39 12.13 -0.95 1.13
C GLY A 39 13.23 -0.82 0.09
N TRP A 40 12.89 -0.50 -1.13
CA TRP A 40 13.93 -0.35 -2.18
C TRP A 40 13.39 0.52 -3.32
N THR A 41 12.75 -0.07 -4.30
CA THR A 41 12.22 0.73 -5.44
C THR A 41 10.89 0.14 -5.92
N LEU A 42 10.21 -0.60 -5.08
CA LEU A 42 8.92 -1.21 -5.50
C LEU A 42 7.78 -0.72 -4.59
N SER A 43 8.03 0.27 -3.78
CA SER A 43 6.95 0.76 -2.88
C SER A 43 6.26 -0.42 -2.20
N CYS A 44 5.15 -0.17 -1.52
CA CYS A 44 4.44 -1.29 -0.86
C CYS A 44 3.64 -2.08 -1.90
N TYR A 45 3.41 -3.35 -1.69
CA TYR A 45 2.66 -4.13 -2.70
C TYR A 45 1.83 -5.23 -2.03
N CYS A 46 0.54 -5.24 -2.28
CA CYS A 46 -0.33 -6.29 -1.69
C CYS A 46 -1.21 -6.91 -2.78
N GLN A 47 -1.44 -8.19 -2.73
CA GLN A 47 -2.30 -8.82 -3.78
C GLN A 47 -3.57 -9.40 -3.14
N GLY A 48 -4.71 -9.11 -3.72
CA GLY A 48 -5.98 -9.65 -3.14
C GLY A 48 -6.73 -8.54 -2.42
N LEU A 49 -6.77 -7.36 -2.98
CA LEU A 49 -7.50 -6.25 -2.30
C LEU A 49 -8.84 -6.01 -2.99
N PRO A 50 -9.53 -5.00 -2.57
CA PRO A 50 -10.85 -4.66 -3.14
C PRO A 50 -10.66 -3.78 -4.37
N ASP A 51 -11.63 -3.70 -5.23
CA ASP A 51 -11.49 -2.85 -6.43
C ASP A 51 -11.24 -1.40 -6.02
N ASN A 52 -11.59 -1.07 -4.80
CA ASN A 52 -11.37 0.33 -4.32
C ASN A 52 -10.09 0.38 -3.49
N ALA A 53 -9.21 -0.56 -3.67
CA ALA A 53 -7.94 -0.56 -2.88
C ALA A 53 -7.15 0.72 -3.14
N ARG A 54 -6.59 1.31 -2.12
CA ARG A 54 -5.80 2.56 -2.32
C ARG A 54 -4.42 2.22 -2.87
N ILE A 55 -4.03 2.88 -3.93
CA ILE A 55 -2.68 2.60 -4.53
C ILE A 55 -1.96 3.92 -4.85
N LYS A 56 -0.75 3.85 -5.32
CA LYS A 56 -0.02 5.11 -5.65
C LYS A 56 -0.71 5.80 -6.83
N ARG A 57 -1.94 6.18 -6.65
CA ARG A 57 -2.70 6.84 -7.75
C ARG A 57 -2.45 8.35 -7.74
N SER A 58 -2.10 8.91 -6.60
CA SER A 58 -1.85 10.37 -6.53
C SER A 58 -0.43 10.64 -6.00
N GLY A 59 0.07 11.82 -6.21
CA GLY A 59 1.44 12.14 -5.71
C GLY A 59 1.51 13.60 -5.27
N ARG A 60 0.38 14.24 -5.12
CA ARG A 60 0.39 15.66 -4.69
C ARG A 60 -0.05 15.79 -3.23
N CYS A 61 0.41 14.89 -2.41
CA CYS A 61 0.05 14.92 -0.95
C CYS A 61 -1.45 15.22 -0.76
N ARG A 62 -2.22 14.23 -0.44
CA ARG A 62 -3.69 14.45 -0.23
C ARG A 62 -3.95 15.00 1.17
N ALA A 63 -3.18 15.97 1.60
CA ALA A 63 -3.39 16.54 2.97
C ALA A 63 -2.60 17.83 3.12
N LYS A 1 -10.67 -9.23 -6.25
CA LYS A 1 -9.30 -9.07 -5.72
C LYS A 1 -8.45 -8.21 -6.68
N ILE A 2 -7.67 -7.31 -6.15
CA ILE A 2 -6.83 -6.45 -7.03
C ILE A 2 -5.39 -6.43 -6.52
N ASP A 3 -4.47 -6.04 -7.35
CA ASP A 3 -3.04 -6.00 -6.93
C ASP A 3 -2.44 -4.63 -7.22
N GLY A 4 -1.53 -4.19 -6.41
CA GLY A 4 -0.91 -2.85 -6.66
C GLY A 4 -0.18 -2.37 -5.40
N TYR A 5 0.42 -1.21 -5.45
CA TYR A 5 1.16 -0.70 -4.27
C TYR A 5 0.27 0.29 -3.49
N PRO A 6 -0.16 -0.13 -2.34
CA PRO A 6 -1.02 0.72 -1.49
C PRO A 6 -0.20 1.83 -0.82
N VAL A 7 -0.65 3.05 -0.90
CA VAL A 7 0.10 4.18 -0.27
C VAL A 7 -0.77 4.87 0.77
N ASP A 8 -0.37 6.01 1.25
CA ASP A 8 -1.18 6.73 2.27
C ASP A 8 -2.50 7.19 1.65
N TYR A 9 -3.30 7.90 2.41
CA TYR A 9 -4.60 8.39 1.86
C TYR A 9 -4.36 9.62 0.99
N TRP A 10 -3.16 10.12 0.95
CA TRP A 10 -2.87 11.33 0.14
C TRP A 10 -1.54 11.17 -0.61
N ASN A 11 -0.92 10.04 -0.49
CA ASN A 11 0.39 9.81 -1.19
C ASN A 11 1.42 10.83 -0.74
N CYS A 12 1.15 11.56 0.30
CA CYS A 12 2.11 12.58 0.77
C CYS A 12 3.28 11.94 1.53
N LYS A 13 3.01 11.31 2.64
CA LYS A 13 4.12 10.68 3.42
C LYS A 13 3.74 9.29 3.90
N ARG A 14 4.18 8.27 3.20
CA ARG A 14 3.87 6.87 3.62
C ARG A 14 4.24 5.88 2.50
N ILE A 15 3.32 5.61 1.61
CA ILE A 15 3.64 4.66 0.50
C ILE A 15 4.12 3.31 1.08
N CYS A 16 5.37 3.23 1.44
CA CYS A 16 5.90 1.98 2.03
C CYS A 16 6.49 2.26 3.41
N TRP A 17 6.09 1.52 4.40
CA TRP A 17 6.65 1.75 5.77
C TRP A 17 8.11 1.32 5.81
N TYR A 18 8.57 0.79 6.93
CA TYR A 18 9.98 0.36 7.03
C TYR A 18 10.05 -1.16 7.29
N ASN A 19 8.94 -1.77 7.58
CA ASN A 19 8.94 -3.23 7.85
C ASN A 19 8.08 -3.97 6.81
N ASN A 20 8.19 -5.26 6.75
CA ASN A 20 7.39 -6.04 5.75
C ASN A 20 6.04 -6.42 6.36
N LYS A 21 6.04 -7.16 7.43
CA LYS A 21 4.75 -7.56 8.06
C LYS A 21 3.95 -6.33 8.48
N TYR A 22 4.61 -5.24 8.75
CA TYR A 22 3.89 -4.01 9.17
C TYR A 22 2.90 -3.57 8.09
N CYS A 23 3.37 -3.41 6.87
CA CYS A 23 2.45 -2.99 5.77
C CYS A 23 1.42 -4.08 5.47
N ASN A 24 1.77 -5.32 5.74
CA ASN A 24 0.82 -6.43 5.48
C ASN A 24 -0.39 -6.33 6.41
N ASP A 25 -0.16 -6.30 7.69
CA ASP A 25 -1.30 -6.20 8.66
C ASP A 25 -2.32 -5.17 8.18
N LEU A 26 -1.87 -3.99 7.83
CA LEU A 26 -2.82 -2.95 7.36
C LEU A 26 -3.48 -3.39 6.05
N CYS A 27 -2.71 -3.95 5.15
CA CYS A 27 -3.31 -4.40 3.86
C CYS A 27 -4.40 -5.44 4.14
N LYS A 28 -4.17 -6.31 5.08
CA LYS A 28 -5.21 -7.33 5.41
C LYS A 28 -6.46 -6.62 5.92
N GLY A 29 -6.29 -5.53 6.60
CA GLY A 29 -7.46 -4.77 7.12
C GLY A 29 -8.44 -4.54 5.97
N LEU A 30 -7.94 -4.24 4.81
CA LEU A 30 -8.84 -4.02 3.65
C LEU A 30 -9.28 -5.37 3.08
N LYS A 31 -8.41 -6.35 3.13
CA LYS A 31 -8.69 -7.74 2.62
C LYS A 31 -7.45 -8.31 1.91
N ALA A 32 -6.37 -7.57 1.87
CA ALA A 32 -5.14 -8.08 1.18
C ALA A 32 -4.31 -8.93 2.15
N ASP A 33 -4.15 -10.18 1.85
CA ASP A 33 -3.34 -11.07 2.75
C ASP A 33 -1.84 -10.92 2.43
N SER A 34 -1.46 -11.19 1.22
CA SER A 34 -0.03 -11.08 0.85
C SER A 34 0.35 -9.60 0.67
N GLY A 35 0.75 -8.95 1.73
CA GLY A 35 1.11 -7.50 1.60
C GLY A 35 2.54 -7.29 2.12
N TYR A 36 3.46 -7.02 1.24
CA TYR A 36 4.87 -6.79 1.69
C TYR A 36 5.38 -5.45 1.15
N CYS A 37 6.22 -4.79 1.88
CA CYS A 37 6.75 -3.48 1.42
C CYS A 37 8.05 -3.66 0.62
N TRP A 38 8.22 -2.91 -0.44
CA TRP A 38 9.48 -3.04 -1.24
C TRP A 38 10.60 -2.26 -0.54
N GLY A 39 11.50 -2.96 0.11
CA GLY A 39 12.61 -2.26 0.82
C GLY A 39 13.65 -1.78 -0.19
N TRP A 40 13.37 -0.71 -0.89
CA TRP A 40 14.35 -0.18 -1.88
C TRP A 40 14.00 1.28 -2.20
N THR A 41 12.95 1.48 -2.93
CA THR A 41 12.54 2.87 -3.28
C THR A 41 11.26 2.84 -4.13
N LEU A 42 10.38 1.91 -3.85
CA LEU A 42 9.12 1.83 -4.65
C LEU A 42 7.90 2.18 -3.79
N SER A 43 7.39 1.23 -3.07
CA SER A 43 6.19 1.49 -2.22
C SER A 43 5.65 0.17 -1.67
N CYS A 44 4.64 0.22 -0.83
CA CYS A 44 4.09 -1.06 -0.30
C CYS A 44 3.49 -1.86 -1.45
N TYR A 45 3.32 -3.14 -1.29
CA TYR A 45 2.74 -3.95 -2.40
C TYR A 45 1.91 -5.11 -1.86
N CYS A 46 0.62 -5.11 -2.14
CA CYS A 46 -0.25 -6.22 -1.67
C CYS A 46 -1.05 -6.79 -2.84
N GLN A 47 -1.37 -8.05 -2.80
CA GLN A 47 -2.14 -8.66 -3.92
C GLN A 47 -3.37 -9.39 -3.36
N GLY A 48 -4.53 -8.82 -3.51
CA GLY A 48 -5.76 -9.48 -2.99
C GLY A 48 -6.58 -8.47 -2.18
N LEU A 49 -6.82 -7.31 -2.74
CA LEU A 49 -7.60 -6.27 -2.01
C LEU A 49 -8.85 -5.91 -2.80
N PRO A 50 -9.69 -5.11 -2.19
CA PRO A 50 -10.94 -4.67 -2.85
C PRO A 50 -10.64 -3.72 -4.00
N ASP A 51 -11.54 -3.59 -4.94
CA ASP A 51 -11.30 -2.67 -6.08
C ASP A 51 -11.12 -1.24 -5.57
N ASN A 52 -11.55 -0.97 -4.38
CA ASN A 52 -11.40 0.40 -3.82
C ASN A 52 -10.06 0.54 -3.09
N ALA A 53 -9.21 -0.44 -3.22
CA ALA A 53 -7.88 -0.39 -2.54
C ALA A 53 -7.10 0.85 -3.00
N ARG A 54 -6.74 1.71 -2.09
CA ARG A 54 -5.98 2.94 -2.47
C ARG A 54 -4.51 2.59 -2.74
N ILE A 55 -3.98 3.03 -3.84
CA ILE A 55 -2.55 2.73 -4.16
C ILE A 55 -1.92 3.91 -4.89
N LYS A 56 -0.66 3.80 -5.24
CA LYS A 56 0.01 4.92 -5.96
C LYS A 56 -0.82 5.37 -7.16
N ARG A 57 -1.72 6.28 -6.96
CA ARG A 57 -2.56 6.77 -8.09
C ARG A 57 -2.18 8.21 -8.41
N SER A 58 -1.71 8.93 -7.44
CA SER A 58 -1.31 10.35 -7.67
C SER A 58 0.13 10.57 -7.21
N GLY A 59 0.70 11.70 -7.52
CA GLY A 59 2.10 11.99 -7.09
C GLY A 59 2.13 13.29 -6.28
N ARG A 60 1.02 13.96 -6.17
CA ARG A 60 0.99 15.24 -5.40
C ARG A 60 0.25 15.04 -4.08
N CYS A 61 0.82 15.47 -2.99
CA CYS A 61 0.13 15.31 -1.68
C CYS A 61 -1.34 15.67 -1.81
N ARG A 62 -2.22 14.79 -1.41
CA ARG A 62 -3.69 15.10 -1.52
C ARG A 62 -4.16 15.85 -0.27
N ALA A 63 -3.46 16.90 0.09
CA ALA A 63 -3.87 17.67 1.29
C ALA A 63 -3.19 19.05 1.30
N LYS A 1 -11.33 -8.97 -7.13
CA LYS A 1 -10.03 -8.90 -6.42
C LYS A 1 -9.03 -8.06 -7.23
N ILE A 2 -8.06 -7.49 -6.58
CA ILE A 2 -7.05 -6.66 -7.30
C ILE A 2 -5.73 -6.64 -6.53
N ASP A 3 -4.67 -6.21 -7.16
CA ASP A 3 -3.36 -6.15 -6.46
C ASP A 3 -2.54 -4.97 -6.98
N GLY A 4 -1.48 -4.62 -6.29
CA GLY A 4 -0.64 -3.47 -6.76
C GLY A 4 0.14 -2.89 -5.59
N TYR A 5 0.46 -1.63 -5.64
CA TYR A 5 1.23 -1.01 -4.53
C TYR A 5 0.35 -0.03 -3.76
N PRO A 6 -0.16 -0.49 -2.65
CA PRO A 6 -1.02 0.37 -1.80
C PRO A 6 -0.18 1.40 -1.07
N VAL A 7 -0.53 2.65 -1.18
CA VAL A 7 0.25 3.72 -0.48
C VAL A 7 -0.14 3.78 1.00
N ASP A 8 0.35 4.76 1.71
CA ASP A 8 0.00 4.87 3.16
C ASP A 8 -1.41 5.44 3.31
N TYR A 9 -1.72 6.45 2.56
CA TYR A 9 -3.08 7.08 2.64
C TYR A 9 -3.15 8.26 1.67
N TRP A 10 -2.41 9.29 1.93
CA TRP A 10 -2.42 10.48 1.04
C TRP A 10 -1.11 10.52 0.24
N ASN A 11 -0.45 9.41 0.13
CA ASN A 11 0.84 9.37 -0.63
C ASN A 11 1.85 10.33 0.00
N CYS A 12 1.58 10.80 1.19
CA CYS A 12 2.53 11.73 1.85
C CYS A 12 3.82 11.00 2.23
N LYS A 13 3.71 9.77 2.63
CA LYS A 13 4.92 8.98 2.99
C LYS A 13 5.24 7.97 1.89
N ARG A 14 5.20 8.41 0.66
CA ARG A 14 5.50 7.49 -0.47
C ARG A 14 4.49 6.33 -0.51
N ILE A 15 4.62 5.44 -1.44
CA ILE A 15 3.66 4.30 -1.53
C ILE A 15 4.04 3.18 -0.54
N CYS A 16 5.18 3.33 0.10
CA CYS A 16 5.61 2.28 1.07
C CYS A 16 6.06 2.93 2.38
N TRP A 17 6.14 2.16 3.43
CA TRP A 17 6.58 2.73 4.74
C TRP A 17 8.01 2.27 5.05
N TYR A 18 8.36 2.21 6.31
CA TYR A 18 9.74 1.77 6.66
C TYR A 18 9.72 0.35 7.22
N ASN A 19 8.57 -0.10 7.67
CA ASN A 19 8.48 -1.48 8.22
C ASN A 19 7.86 -2.42 7.19
N ASN A 20 8.22 -3.67 7.22
CA ASN A 20 7.67 -4.64 6.22
C ASN A 20 6.31 -5.17 6.72
N LYS A 21 6.10 -5.18 8.01
CA LYS A 21 4.81 -5.68 8.55
C LYS A 21 3.79 -4.55 8.65
N TYR A 22 4.24 -3.34 8.84
CA TYR A 22 3.29 -2.19 8.95
C TYR A 22 2.43 -2.10 7.69
N CYS A 23 3.02 -2.21 6.53
CA CYS A 23 2.23 -2.13 5.27
C CYS A 23 1.27 -3.32 5.20
N ASN A 24 1.75 -4.50 5.53
CA ASN A 24 0.86 -5.70 5.49
C ASN A 24 -0.35 -5.48 6.39
N ASP A 25 -0.14 -4.90 7.55
CA ASP A 25 -1.27 -4.66 8.48
C ASP A 25 -2.34 -3.81 7.78
N LEU A 26 -1.99 -2.65 7.31
CA LEU A 26 -2.98 -1.78 6.62
C LEU A 26 -3.52 -2.50 5.37
N CYS A 27 -2.69 -3.22 4.69
CA CYS A 27 -3.17 -3.94 3.48
C CYS A 27 -4.24 -4.96 3.89
N LYS A 28 -4.01 -5.68 4.95
CA LYS A 28 -5.02 -6.68 5.41
C LYS A 28 -6.34 -5.97 5.68
N GLY A 29 -6.29 -4.71 6.02
CA GLY A 29 -7.54 -3.96 6.28
C GLY A 29 -8.38 -3.98 5.00
N LEU A 30 -7.72 -3.87 3.87
CA LEU A 30 -8.44 -3.90 2.58
C LEU A 30 -8.53 -5.35 2.09
N LYS A 31 -8.38 -6.28 2.99
CA LYS A 31 -8.46 -7.73 2.62
C LYS A 31 -7.24 -8.14 1.81
N ALA A 32 -6.19 -7.34 1.81
CA ALA A 32 -4.98 -7.72 1.05
C ALA A 32 -4.06 -8.57 1.92
N ASP A 33 -4.44 -9.80 2.14
CA ASP A 33 -3.60 -10.70 2.99
C ASP A 33 -2.11 -10.49 2.72
N SER A 34 -1.63 -11.03 1.64
CA SER A 34 -0.18 -10.86 1.31
C SER A 34 0.15 -9.40 1.03
N GLY A 35 0.58 -8.66 2.02
CA GLY A 35 0.90 -7.23 1.81
C GLY A 35 2.31 -6.94 2.34
N TYR A 36 3.30 -7.01 1.50
CA TYR A 36 4.70 -6.73 1.95
C TYR A 36 5.22 -5.45 1.28
N CYS A 37 6.13 -4.77 1.91
CA CYS A 37 6.66 -3.52 1.29
C CYS A 37 8.11 -3.73 0.81
N TRP A 38 8.44 -3.19 -0.33
CA TRP A 38 9.82 -3.36 -0.86
C TRP A 38 10.76 -2.38 -0.15
N GLY A 39 11.30 -2.77 0.98
CA GLY A 39 12.21 -1.85 1.71
C GLY A 39 13.45 -1.55 0.86
N TRP A 40 13.33 -0.64 -0.06
CA TRP A 40 14.50 -0.30 -0.93
C TRP A 40 14.26 1.08 -1.56
N THR A 41 13.38 1.14 -2.51
CA THR A 41 13.10 2.44 -3.19
C THR A 41 12.01 2.24 -4.25
N LEU A 42 11.01 1.44 -3.94
CA LEU A 42 9.93 1.20 -4.94
C LEU A 42 8.56 1.56 -4.37
N SER A 43 7.99 0.69 -3.59
CA SER A 43 6.65 0.97 -2.99
C SER A 43 6.10 -0.29 -2.34
N CYS A 44 4.95 -0.19 -1.69
CA CYS A 44 4.37 -1.39 -1.03
C CYS A 44 3.77 -2.34 -2.08
N TYR A 45 3.47 -3.54 -1.69
CA TYR A 45 2.89 -4.51 -2.67
C TYR A 45 1.93 -5.48 -1.96
N CYS A 46 0.66 -5.34 -2.18
CA CYS A 46 -0.32 -6.25 -1.53
C CYS A 46 -1.27 -6.83 -2.59
N GLN A 47 -1.58 -8.10 -2.51
CA GLN A 47 -2.48 -8.71 -3.52
C GLN A 47 -3.67 -9.38 -2.83
N GLY A 48 -4.87 -9.06 -3.24
CA GLY A 48 -6.07 -9.69 -2.60
C GLY A 48 -6.98 -8.61 -2.01
N LEU A 49 -6.97 -7.44 -2.58
CA LEU A 49 -7.84 -6.35 -2.05
C LEU A 49 -9.03 -6.13 -2.99
N PRO A 50 -9.98 -5.35 -2.51
CA PRO A 50 -11.20 -5.05 -3.33
C PRO A 50 -10.86 -4.21 -4.56
N ASP A 51 -11.69 -4.25 -5.56
CA ASP A 51 -11.43 -3.44 -6.79
C ASP A 51 -11.32 -1.96 -6.42
N ASN A 52 -11.98 -1.55 -5.37
CA ASN A 52 -11.91 -0.12 -4.96
C ASN A 52 -10.76 0.07 -3.97
N ALA A 53 -9.83 -0.85 -3.98
CA ALA A 53 -8.68 -0.75 -3.04
C ALA A 53 -7.86 0.51 -3.33
N ARG A 54 -7.88 1.47 -2.45
CA ARG A 54 -7.10 2.71 -2.68
C ARG A 54 -5.60 2.40 -2.67
N ILE A 55 -4.90 2.85 -3.68
CA ILE A 55 -3.44 2.59 -3.76
C ILE A 55 -2.75 3.69 -4.56
N LYS A 56 -1.55 3.45 -5.01
CA LYS A 56 -0.82 4.49 -5.79
C LYS A 56 -1.77 5.20 -6.76
N ARG A 57 -2.33 6.31 -6.36
CA ARG A 57 -3.27 7.04 -7.25
C ARG A 57 -2.95 8.54 -7.21
N SER A 58 -1.95 8.93 -6.49
CA SER A 58 -1.59 10.38 -6.41
C SER A 58 -0.10 10.54 -6.11
N GLY A 59 0.36 11.73 -5.88
CA GLY A 59 1.81 11.93 -5.59
C GLY A 59 2.04 13.34 -5.03
N ARG A 60 1.04 13.94 -4.46
CA ARG A 60 1.23 15.31 -3.90
C ARG A 60 0.55 15.44 -2.54
N CYS A 61 0.77 14.48 -1.68
CA CYS A 61 0.14 14.53 -0.32
C CYS A 61 -1.35 14.86 -0.43
N ARG A 62 -2.19 13.87 -0.27
CA ARG A 62 -3.66 14.11 -0.35
C ARG A 62 -4.17 14.69 0.97
N ALA A 63 -3.60 15.76 1.43
CA ALA A 63 -4.05 16.36 2.71
C ALA A 63 -3.34 17.70 2.95
#